data_6IO0
#
_entry.id   6IO0
#
_cell.length_a   82.750
_cell.length_b   82.750
_cell.length_c   296.420
_cell.angle_alpha   90.000
_cell.angle_beta   90.000
_cell.angle_gamma   90.000
#
_symmetry.space_group_name_H-M   'P 43 21 2'
#
loop_
_entity.id
_entity.type
_entity.pdbx_description
1 polymer 'Isocitrate dehydrogenase [NADP] cytoplasmic'
2 non-polymer '(2E)-3-{3-[3-(2,6-dichlorophenyl)-5-(propan-2-yl)-1,2-oxazole-4-carbonyl]-1-methyl-1H-indol-7-yl}prop-2-enoic acid'
3 non-polymer 'NADPH DIHYDRO-NICOTINAMIDE-ADENINE-DINUCLEOTIDE PHOSPHATE'
4 non-polymer 'CITRIC ACID'
5 non-polymer GLYCEROL
6 water water
#
_entity_poly.entity_id   1
_entity_poly.type   'polypeptide(L)'
_entity_poly.pdbx_seq_one_letter_code
;MSKKISGGSVVEMQGDEMTRIIWELIKEKLIFPYVELDLHSYDLGIENRDATNDQVTKDAAEAIKKHNVGVKCATITPDE
KRVEEFKLKQMWKSPNGTIRNILGGTVFREAIICKNIPRLVSGWVKPIIIGCHAYGDQYRATDFVVPGPGKVEITYTPSD
GTQKVTYLVHNFEEGGGVAMGMYNQDKSIEDFAHSSFQMALSKGWPLYLSTKNTILKKYDGRFKDIFQEIYDKQYKSQFE
AQKIWYEHRLIDDMVAQAMKSEGGFIWACKNYDGDVQSDSVAQGYGSLGMMTSVLVCPDGKTVEAEAAHGTVTRHYRMYQ
KGQETSTNPIASIFAWTRGLAHRAKLDNNKELAFFANALEEVSIETIEAGFMTKDLAACIKGLPNVQRSDYLNTFEFMDK
LGENLKIKLAQAKL
;
_entity_poly.pdbx_strand_id   A,B
#
# COMPACT_ATOMS: atom_id res chain seq x y z
N LYS A 3 31.92 -26.93 -22.85
CA LYS A 3 32.62 -25.61 -22.74
C LYS A 3 31.64 -24.56 -22.21
N LYS A 4 31.91 -24.06 -21.00
CA LYS A 4 31.00 -23.14 -20.31
C LYS A 4 31.04 -21.78 -20.99
N ILE A 5 30.03 -20.98 -20.70
CA ILE A 5 29.99 -19.62 -21.22
C ILE A 5 31.01 -18.76 -20.48
N SER A 6 31.70 -17.89 -21.22
CA SER A 6 32.56 -16.90 -20.57
C SER A 6 31.70 -15.70 -20.21
N GLY A 7 31.37 -15.58 -18.93
CA GLY A 7 30.40 -14.59 -18.51
C GLY A 7 30.98 -13.22 -18.20
N GLY A 8 32.31 -13.08 -18.04
CA GLY A 8 32.89 -11.77 -17.76
C GLY A 8 32.90 -11.41 -16.26
N SER A 9 32.90 -10.12 -15.94
CA SER A 9 33.19 -9.57 -14.62
C SER A 9 31.91 -9.32 -13.83
N VAL A 10 31.79 -9.96 -12.68
CA VAL A 10 30.59 -9.89 -11.87
C VAL A 10 31.02 -9.79 -10.41
N VAL A 11 30.42 -8.85 -9.69
CA VAL A 11 30.61 -8.75 -8.25
C VAL A 11 29.50 -9.53 -7.57
N GLU A 12 29.90 -10.46 -6.71
CA GLU A 12 28.90 -11.20 -5.97
C GLU A 12 29.11 -10.99 -4.47
N MET A 13 28.00 -10.94 -3.74
CA MET A 13 28.00 -10.63 -2.31
C MET A 13 27.22 -11.71 -1.58
N GLN A 14 27.96 -12.45 -0.73
CA GLN A 14 27.33 -13.52 0.03
C GLN A 14 26.65 -12.91 1.25
N GLY A 15 25.71 -13.65 1.85
CA GLY A 15 24.81 -13.01 2.79
C GLY A 15 24.55 -13.91 3.99
N ASP A 16 23.30 -13.93 4.46
CA ASP A 16 23.05 -14.45 5.80
C ASP A 16 21.99 -15.56 5.76
N GLU A 17 22.11 -16.50 6.71
CA GLU A 17 20.95 -17.24 7.18
C GLU A 17 20.36 -18.10 6.06
N MET A 18 19.03 -18.12 5.93
CA MET A 18 18.47 -19.05 4.96
C MET A 18 18.90 -18.66 3.54
N THR A 19 18.94 -17.37 3.22
CA THR A 19 19.31 -16.95 1.88
C THR A 19 20.74 -17.36 1.54
N ARG A 20 21.63 -17.43 2.55
CA ARG A 20 23.02 -17.81 2.32
C ARG A 20 23.10 -19.24 1.79
N ILE A 21 22.38 -20.16 2.44
CA ILE A 21 22.33 -21.54 1.97
C ILE A 21 21.87 -21.58 0.50
N ILE A 22 20.85 -20.78 0.19
CA ILE A 22 20.21 -20.92 -1.10
C ILE A 22 21.14 -20.36 -2.17
N TRP A 23 21.78 -19.25 -1.82
CA TRP A 23 22.73 -18.57 -2.67
C TRP A 23 23.79 -19.54 -3.15
N GLU A 24 24.35 -20.35 -2.23
CA GLU A 24 25.36 -21.32 -2.61
C GLU A 24 24.79 -22.38 -3.56
N LEU A 25 23.60 -22.89 -3.25
CA LEU A 25 22.95 -23.89 -4.10
C LEU A 25 22.74 -23.34 -5.52
N ILE A 26 22.42 -22.05 -5.63
CA ILE A 26 22.21 -21.46 -6.93
C ILE A 26 23.52 -21.39 -7.69
N LYS A 27 24.58 -20.91 -7.03
CA LYS A 27 25.89 -20.88 -7.67
C LYS A 27 26.30 -22.29 -8.11
N GLU A 28 26.11 -23.28 -7.24
CA GLU A 28 26.73 -24.58 -7.43
C GLU A 28 25.90 -25.43 -8.39
N LYS A 29 24.60 -25.12 -8.51
CA LYS A 29 23.69 -25.96 -9.28
C LYS A 29 23.25 -25.28 -10.57
N LEU A 30 23.22 -23.95 -10.60
CA LEU A 30 22.55 -23.28 -11.70
C LEU A 30 23.53 -22.37 -12.45
N ILE A 31 24.55 -21.83 -11.78
CA ILE A 31 25.42 -20.88 -12.47
C ILE A 31 26.72 -21.57 -12.90
N PHE A 32 27.51 -22.05 -11.92
CA PHE A 32 28.88 -22.48 -12.17
C PHE A 32 28.96 -23.62 -13.18
N PRO A 33 27.96 -24.53 -13.30
CA PRO A 33 28.08 -25.57 -14.32
C PRO A 33 28.03 -25.02 -15.75
N TYR A 34 27.68 -23.75 -15.93
CA TYR A 34 27.45 -23.24 -17.28
C TYR A 34 28.18 -21.95 -17.58
N VAL A 35 28.52 -21.19 -16.54
CA VAL A 35 29.10 -19.88 -16.81
C VAL A 35 30.35 -19.75 -15.96
N GLU A 36 31.43 -19.31 -16.59
CA GLU A 36 32.68 -19.04 -15.91
C GLU A 36 32.71 -17.55 -15.70
N LEU A 37 33.03 -17.11 -14.49
CA LEU A 37 33.05 -15.67 -14.25
C LEU A 37 34.40 -15.21 -13.73
N ASP A 38 34.74 -13.98 -14.09
CA ASP A 38 35.75 -13.23 -13.40
C ASP A 38 35.14 -12.69 -12.11
N LEU A 39 35.20 -13.51 -11.05
CA LEU A 39 34.24 -13.38 -9.97
C LEU A 39 34.87 -12.61 -8.82
N HIS A 40 34.23 -11.51 -8.45
CA HIS A 40 34.71 -10.66 -7.38
C HIS A 40 33.80 -10.91 -6.18
N SER A 41 34.16 -11.86 -5.30
CA SER A 41 33.28 -12.29 -4.21
C SER A 41 33.65 -11.59 -2.93
N TYR A 42 32.63 -11.02 -2.31
CA TYR A 42 32.69 -10.36 -1.02
C TYR A 42 31.72 -11.09 -0.10
N ASP A 43 32.23 -11.50 1.08
CA ASP A 43 31.39 -12.11 2.09
C ASP A 43 30.73 -11.04 2.96
N LEU A 44 29.44 -10.70 2.69
CA LEU A 44 28.74 -9.74 3.54
C LEU A 44 27.93 -10.44 4.64
N GLY A 45 28.28 -11.71 4.92
CA GLY A 45 27.78 -12.39 6.11
C GLY A 45 28.04 -11.54 7.37
N ILE A 46 27.13 -11.62 8.35
CA ILE A 46 27.17 -10.74 9.51
C ILE A 46 28.48 -10.92 10.27
N GLU A 47 28.88 -12.16 10.53
CA GLU A 47 30.14 -12.37 11.22
C GLU A 47 31.27 -11.63 10.52
N ASN A 48 31.34 -11.78 9.20
CA ASN A 48 32.49 -11.26 8.49
C ASN A 48 32.46 -9.73 8.45
N ARG A 49 31.26 -9.17 8.46
CA ARG A 49 31.10 -7.73 8.53
C ARG A 49 31.64 -7.22 9.87
N ASP A 50 31.33 -7.94 10.95
CA ASP A 50 31.80 -7.62 12.28
C ASP A 50 33.32 -7.72 12.33
N ALA A 51 33.84 -8.86 11.85
CA ALA A 51 35.28 -9.08 11.90
C ALA A 51 36.05 -7.98 11.15
N THR A 52 35.49 -7.44 10.05
CA THR A 52 36.26 -6.51 9.25
C THR A 52 35.78 -5.09 9.53
N ASN A 53 34.90 -4.96 10.53
CA ASN A 53 34.46 -3.63 10.92
C ASN A 53 33.72 -3.02 9.75
N ASP A 54 33.09 -3.88 8.97
CA ASP A 54 32.18 -3.50 7.90
C ASP A 54 32.94 -3.03 6.67
N GLN A 55 34.29 -3.15 6.68
CA GLN A 55 35.07 -2.72 5.53
C GLN A 55 34.62 -3.51 4.29
N VAL A 56 34.27 -4.80 4.51
CA VAL A 56 33.91 -5.66 3.38
C VAL A 56 32.73 -5.06 2.61
N THR A 57 31.75 -4.47 3.31
CA THR A 57 30.62 -3.87 2.62
C THR A 57 31.06 -2.70 1.75
N LYS A 58 32.05 -1.91 2.20
CA LYS A 58 32.46 -0.74 1.44
C LYS A 58 33.24 -1.19 0.20
N ASP A 59 34.08 -2.21 0.37
CA ASP A 59 34.88 -2.73 -0.73
C ASP A 59 33.95 -3.32 -1.81
N ALA A 60 32.87 -4.00 -1.39
CA ALA A 60 31.91 -4.60 -2.30
C ALA A 60 31.29 -3.51 -3.16
N ALA A 61 30.91 -2.44 -2.48
CA ALA A 61 30.28 -1.31 -3.15
C ALA A 61 31.25 -0.67 -4.14
N GLU A 62 32.52 -0.49 -3.74
CA GLU A 62 33.51 0.08 -4.66
C GLU A 62 33.66 -0.83 -5.88
N ALA A 63 33.70 -2.13 -5.63
CA ALA A 63 33.86 -3.12 -6.68
C ALA A 63 32.72 -3.05 -7.70
N ILE A 64 31.48 -2.80 -7.24
CA ILE A 64 30.33 -2.71 -8.14
C ILE A 64 30.51 -1.46 -9.00
N LYS A 65 30.94 -0.38 -8.35
CA LYS A 65 31.26 0.88 -9.02
C LYS A 65 32.26 0.60 -10.15
N LYS A 66 33.30 -0.19 -9.85
CA LYS A 66 34.32 -0.44 -10.85
C LYS A 66 33.84 -1.38 -11.96
N HIS A 67 33.07 -2.41 -11.59
CA HIS A 67 32.82 -3.52 -12.51
C HIS A 67 31.38 -3.53 -13.06
N ASN A 68 30.53 -2.62 -12.55
CA ASN A 68 29.24 -2.28 -13.14
C ASN A 68 28.13 -3.25 -12.75
N VAL A 69 28.46 -4.51 -12.40
CA VAL A 69 27.42 -5.48 -12.15
C VAL A 69 27.60 -6.13 -10.79
N GLY A 70 26.61 -5.92 -9.90
CA GLY A 70 26.53 -6.64 -8.64
C GLY A 70 25.28 -7.50 -8.51
N VAL A 71 25.47 -8.66 -7.86
CA VAL A 71 24.43 -9.58 -7.42
C VAL A 71 24.62 -9.89 -5.95
N LYS A 72 23.57 -9.64 -5.16
CA LYS A 72 23.71 -9.62 -3.71
C LYS A 72 22.65 -10.48 -3.03
N CYS A 73 23.13 -11.35 -2.12
CA CYS A 73 22.36 -12.15 -1.18
C CYS A 73 21.76 -11.25 -0.09
N ALA A 74 20.60 -11.64 0.43
CA ALA A 74 20.01 -10.90 1.54
C ALA A 74 20.95 -10.95 2.75
N THR A 75 21.08 -9.81 3.44
CA THR A 75 21.89 -9.73 4.65
C THR A 75 21.06 -9.27 5.84
N ILE A 76 21.51 -9.66 7.04
CA ILE A 76 20.95 -9.16 8.27
C ILE A 76 21.31 -7.69 8.44
N THR A 77 20.31 -6.86 8.73
CA THR A 77 20.56 -5.53 9.27
C THR A 77 20.55 -5.61 10.80
N PRO A 78 21.67 -5.31 11.48
CA PRO A 78 21.73 -5.55 12.92
C PRO A 78 20.66 -4.72 13.64
N ASP A 79 19.96 -5.34 14.61
CA ASP A 79 19.26 -4.56 15.62
C ASP A 79 19.77 -4.97 16.99
N GLU A 80 19.15 -4.42 18.04
CA GLU A 80 19.56 -4.68 19.41
C GLU A 80 19.58 -6.20 19.65
N LYS A 81 18.48 -6.89 19.32
CA LYS A 81 18.46 -8.32 19.51
C LYS A 81 19.63 -8.97 18.74
N ARG A 82 19.97 -8.43 17.55
CA ARG A 82 20.98 -9.01 16.67
C ARG A 82 22.37 -8.78 17.29
N VAL A 83 22.58 -7.56 17.80
CA VAL A 83 23.83 -7.29 18.51
C VAL A 83 24.12 -8.36 19.57
N GLU A 84 23.10 -8.70 20.36
CA GLU A 84 23.26 -9.65 21.45
C GLU A 84 23.49 -11.03 20.84
N GLU A 85 22.76 -11.34 19.76
CA GLU A 85 22.80 -12.68 19.17
C GLU A 85 24.21 -13.01 18.66
N PHE A 86 24.90 -12.05 18.03
CA PHE A 86 26.20 -12.38 17.45
C PHE A 86 27.30 -11.75 18.29
N LYS A 87 26.89 -11.13 19.41
CA LYS A 87 27.83 -10.37 20.22
C LYS A 87 28.65 -9.50 19.28
N LEU A 88 27.99 -8.55 18.62
CA LEU A 88 28.61 -7.66 17.65
C LEU A 88 29.33 -6.52 18.36
N LYS A 89 30.29 -5.89 17.66
CA LYS A 89 31.04 -4.76 18.15
C LYS A 89 30.18 -3.50 18.13
N GLN A 90 29.42 -3.29 17.04
CA GLN A 90 28.49 -2.18 16.96
C GLN A 90 27.21 -2.68 16.29
N MET A 91 26.21 -1.79 16.20
CA MET A 91 25.02 -2.15 15.46
C MET A 91 25.20 -1.63 14.04
N TRP A 92 25.92 -2.39 13.21
CA TRP A 92 26.39 -1.94 11.90
C TRP A 92 25.22 -1.44 11.08
N LYS A 93 25.49 -0.39 10.29
CA LYS A 93 24.52 0.14 9.35
C LYS A 93 24.19 -0.96 8.34
N SER A 94 22.94 -0.94 7.88
CA SER A 94 22.45 -1.79 6.80
C SER A 94 23.41 -1.82 5.60
N PRO A 95 23.83 -3.03 5.14
CA PRO A 95 24.64 -3.14 3.92
C PRO A 95 24.02 -2.50 2.69
N ASN A 96 22.69 -2.54 2.58
CA ASN A 96 21.98 -2.01 1.42
C ASN A 96 22.01 -0.49 1.42
N GLY A 97 21.93 0.08 2.64
CA GLY A 97 22.10 1.52 2.84
C GLY A 97 23.48 1.99 2.42
N THR A 98 24.52 1.32 2.94
CA THR A 98 25.90 1.65 2.61
C THR A 98 26.08 1.53 1.10
N ILE A 99 25.57 0.44 0.52
CA ILE A 99 25.81 0.24 -0.91
C ILE A 99 25.11 1.33 -1.71
N ARG A 100 23.91 1.73 -1.28
CA ARG A 100 23.15 2.70 -2.05
C ARG A 100 23.79 4.07 -2.00
N ASN A 101 24.28 4.49 -0.81
CA ASN A 101 24.95 5.77 -0.66
C ASN A 101 26.21 5.81 -1.51
N ILE A 102 26.81 4.65 -1.78
CA ILE A 102 28.03 4.74 -2.54
C ILE A 102 27.70 4.72 -4.03
N LEU A 103 26.70 3.91 -4.42
CA LEU A 103 26.39 3.82 -5.84
C LEU A 103 25.43 4.94 -6.27
N GLY A 104 24.56 5.40 -5.36
CA GLY A 104 23.38 6.16 -5.78
C GLY A 104 22.48 5.26 -6.63
N GLY A 105 21.44 5.82 -7.26
CA GLY A 105 20.59 5.02 -8.15
C GLY A 105 19.20 4.79 -7.57
N THR A 106 18.35 4.05 -8.29
CA THR A 106 16.99 3.83 -7.82
C THR A 106 16.68 2.34 -7.78
N VAL A 107 15.95 1.93 -6.74
CA VAL A 107 15.55 0.55 -6.62
C VAL A 107 14.27 0.34 -7.43
N PHE A 108 14.32 -0.55 -8.43
CA PHE A 108 13.15 -0.99 -9.16
C PHE A 108 12.76 -2.36 -8.63
N ARG A 109 11.48 -2.52 -8.26
CA ARG A 109 10.96 -3.80 -7.83
C ARG A 109 10.08 -4.38 -8.93
N GLU A 110 10.13 -5.71 -9.06
CA GLU A 110 9.36 -6.40 -10.08
C GLU A 110 9.00 -7.80 -9.58
N ALA A 111 7.69 -8.09 -9.64
CA ALA A 111 7.13 -9.39 -9.32
C ALA A 111 7.43 -10.36 -10.45
N ILE A 112 7.87 -11.57 -10.12
CA ILE A 112 8.01 -12.60 -11.14
C ILE A 112 6.63 -13.21 -11.35
N ILE A 113 6.19 -13.30 -12.62
CA ILE A 113 4.85 -13.72 -12.99
C ILE A 113 4.84 -15.17 -13.45
N CYS A 114 3.95 -15.96 -12.85
CA CYS A 114 3.66 -17.33 -13.25
C CYS A 114 2.18 -17.43 -13.59
N LYS A 115 1.85 -18.12 -14.69
CA LYS A 115 0.48 -18.24 -15.18
C LYS A 115 -0.46 -18.77 -14.09
N ASN A 116 0.04 -19.58 -13.14
CA ASN A 116 -0.82 -20.31 -12.20
C ASN A 116 -0.78 -19.67 -10.82
N ILE A 117 -0.20 -18.47 -10.71
CA ILE A 117 -0.07 -17.80 -9.43
C ILE A 117 -0.83 -16.48 -9.53
N PRO A 118 -1.98 -16.32 -8.84
CA PRO A 118 -2.83 -15.15 -9.01
C PRO A 118 -2.10 -13.83 -8.76
N ARG A 119 -2.40 -12.83 -9.60
CA ARG A 119 -1.82 -11.51 -9.41
C ARG A 119 -2.79 -10.59 -8.64
N LEU A 120 -2.24 -9.46 -8.19
CA LEU A 120 -2.86 -8.47 -7.34
C LEU A 120 -4.09 -7.84 -8.02
N VAL A 121 -4.15 -7.92 -9.36
CA VAL A 121 -5.24 -7.46 -10.19
C VAL A 121 -5.36 -8.43 -11.38
N SER A 122 -6.53 -9.04 -11.57
CA SER A 122 -6.67 -10.13 -12.54
C SER A 122 -6.44 -9.66 -13.98
N GLY A 123 -6.60 -8.35 -14.23
CA GLY A 123 -6.46 -7.82 -15.58
C GLY A 123 -5.02 -7.77 -16.07
N TRP A 124 -4.07 -7.72 -15.13
CA TRP A 124 -2.66 -7.55 -15.41
C TRP A 124 -2.09 -8.75 -16.18
N VAL A 125 -1.67 -8.51 -17.43
CA VAL A 125 -1.16 -9.54 -18.33
C VAL A 125 0.37 -9.50 -18.35
N LYS A 126 0.92 -8.31 -18.15
CA LYS A 126 2.33 -8.08 -18.40
C LYS A 126 2.93 -7.48 -17.13
N PRO A 127 4.28 -7.48 -16.99
CA PRO A 127 4.93 -7.18 -15.72
C PRO A 127 4.76 -5.70 -15.40
N ILE A 128 4.78 -5.37 -14.11
CA ILE A 128 4.82 -3.96 -13.75
C ILE A 128 6.09 -3.76 -12.92
N ILE A 129 6.76 -2.63 -13.16
CA ILE A 129 8.05 -2.39 -12.54
C ILE A 129 7.96 -1.06 -11.79
N ILE A 130 8.10 -1.14 -10.47
CA ILE A 130 7.86 0.02 -9.61
C ILE A 130 9.19 0.60 -9.11
N GLY A 131 9.44 1.85 -9.49
CA GLY A 131 10.63 2.56 -9.03
C GLY A 131 10.31 3.51 -7.88
N CYS A 132 10.66 3.08 -6.65
CA CYS A 132 10.46 3.87 -5.44
C CYS A 132 11.71 4.70 -5.17
N HIS A 133 11.50 5.95 -4.76
CA HIS A 133 12.57 6.91 -4.65
C HIS A 133 13.45 6.63 -3.42
N ARG A 140 17.23 10.05 5.60
CA ARG A 140 15.81 10.13 6.02
C ARG A 140 15.52 11.55 6.50
N ALA A 141 14.58 11.69 7.44
CA ALA A 141 14.04 12.98 7.85
C ALA A 141 14.40 13.28 9.31
N THR A 142 14.12 14.51 9.76
CA THR A 142 14.49 14.90 11.10
C THR A 142 13.23 15.20 11.87
N ASP A 143 12.92 14.37 12.87
CA ASP A 143 11.66 14.56 13.58
C ASP A 143 11.98 14.77 15.06
N PHE A 144 11.10 15.50 15.75
CA PHE A 144 11.22 15.67 17.19
C PHE A 144 9.85 15.90 17.82
N VAL A 145 9.80 15.70 19.15
CA VAL A 145 8.63 15.94 19.97
C VAL A 145 8.54 17.44 20.22
N VAL A 146 7.34 18.02 20.04
CA VAL A 146 7.14 19.38 20.49
C VAL A 146 6.53 19.35 21.88
N PRO A 147 7.31 19.64 22.96
CA PRO A 147 6.85 19.34 24.32
C PRO A 147 5.74 20.28 24.78
N GLY A 148 5.56 21.42 24.11
CA GLY A 148 4.47 22.29 24.53
C GLY A 148 4.35 23.51 23.64
N PRO A 149 3.43 24.47 23.99
CA PRO A 149 3.22 25.67 23.19
C PRO A 149 4.49 26.38 22.72
N GLY A 150 4.42 26.98 21.53
CA GLY A 150 5.57 27.58 20.91
C GLY A 150 5.53 27.39 19.40
N LYS A 151 6.59 27.83 18.73
CA LYS A 151 6.62 28.02 17.29
C LYS A 151 7.63 27.05 16.68
N VAL A 152 7.20 26.27 15.68
CA VAL A 152 8.18 25.53 14.89
C VAL A 152 8.39 26.26 13.56
N GLU A 153 9.64 26.54 13.21
CA GLU A 153 9.90 27.21 11.95
C GLU A 153 10.94 26.43 11.17
N ILE A 154 10.95 26.61 9.85
CA ILE A 154 11.96 25.96 9.05
C ILE A 154 12.62 27.05 8.21
N THR A 155 13.94 26.90 8.10
CA THR A 155 14.81 28.00 7.71
C THR A 155 15.77 27.54 6.61
N TYR A 156 15.93 28.36 5.57
CA TYR A 156 16.96 28.16 4.55
C TYR A 156 17.97 29.30 4.60
N THR A 157 19.26 28.95 4.77
CA THR A 157 20.35 29.91 4.74
C THR A 157 21.19 29.65 3.50
N PRO A 158 21.12 30.53 2.47
CA PRO A 158 21.86 30.30 1.23
C PRO A 158 23.34 30.33 1.58
N SER A 159 24.14 29.45 0.99
CA SER A 159 25.57 29.47 1.28
C SER A 159 26.29 30.69 0.69
N ASP A 160 25.64 31.48 -0.17
CA ASP A 160 26.29 32.64 -0.79
C ASP A 160 25.93 33.91 -0.02
N GLY A 161 25.47 33.72 1.22
CA GLY A 161 25.32 34.76 2.22
C GLY A 161 24.23 35.76 1.86
N THR A 162 23.39 35.43 0.86
CA THR A 162 22.15 36.18 0.65
C THR A 162 21.17 35.82 1.78
N GLN A 163 20.16 36.68 1.99
CA GLN A 163 19.44 36.76 3.27
C GLN A 163 18.70 35.46 3.59
N LYS A 164 18.66 35.12 4.90
CA LYS A 164 18.04 33.94 5.49
C LYS A 164 16.52 33.91 5.22
N VAL A 165 15.98 32.73 4.89
CA VAL A 165 14.58 32.64 4.55
C VAL A 165 13.87 31.77 5.59
N THR A 166 12.81 32.29 6.21
CA THR A 166 12.10 31.56 7.26
C THR A 166 10.65 31.29 6.88
N TYR A 167 10.16 30.07 7.14
CA TYR A 167 8.77 29.73 6.95
C TYR A 167 8.20 29.25 8.28
N LEU A 168 6.92 29.54 8.56
CA LEU A 168 6.29 29.05 9.77
C LEU A 168 5.85 27.61 9.50
N VAL A 169 6.13 26.69 10.40
CA VAL A 169 5.59 25.37 10.19
C VAL A 169 4.29 25.32 10.98
N HIS A 170 4.32 25.92 12.17
CA HIS A 170 3.12 25.88 13.00
C HIS A 170 3.37 26.55 14.33
N ASN A 171 2.36 27.31 14.76
CA ASN A 171 2.29 27.83 16.12
C ASN A 171 1.51 26.85 16.97
N PHE A 172 2.19 26.18 17.89
CA PHE A 172 1.41 25.41 18.84
C PHE A 172 0.91 26.36 19.92
N GLU A 173 -0.41 26.55 20.00
CA GLU A 173 -0.97 27.57 20.87
C GLU A 173 -1.38 26.92 22.19
N GLU A 174 -1.85 25.68 22.13
CA GLU A 174 -2.17 24.90 23.31
C GLU A 174 -1.65 23.49 23.08
N GLY A 175 -0.90 22.95 24.04
CA GLY A 175 -0.45 21.58 23.96
C GLY A 175 0.78 21.40 23.07
N GLY A 176 1.27 20.15 23.04
CA GLY A 176 2.42 19.81 22.22
C GLY A 176 2.04 19.04 20.95
N GLY A 177 2.97 18.21 20.48
CA GLY A 177 2.80 17.40 19.29
C GLY A 177 4.16 16.95 18.78
N VAL A 178 4.26 16.85 17.45
CA VAL A 178 5.45 16.41 16.76
C VAL A 178 5.71 17.33 15.57
N ALA A 179 6.93 17.27 15.05
CA ALA A 179 7.23 18.03 13.86
C ALA A 179 8.40 17.34 13.17
N MET A 180 8.47 17.47 11.85
CA MET A 180 9.66 17.03 11.15
C MET A 180 9.94 17.96 9.97
N GLY A 181 11.21 17.95 9.53
CA GLY A 181 11.63 18.46 8.24
C GLY A 181 12.11 17.31 7.36
N MET A 182 11.91 17.42 6.06
CA MET A 182 12.42 16.42 5.14
C MET A 182 13.00 17.17 3.97
N TYR A 183 13.71 16.47 3.09
CA TYR A 183 14.34 17.18 1.99
C TYR A 183 14.65 16.22 0.86
N ASN A 184 15.02 16.79 -0.29
CA ASN A 184 15.40 16.05 -1.48
C ASN A 184 16.22 16.98 -2.37
N GLN A 185 17.43 16.56 -2.74
CA GLN A 185 18.35 17.33 -3.57
C GLN A 185 17.90 17.19 -5.02
N ASP A 186 17.98 18.28 -5.78
CA ASP A 186 17.80 18.20 -7.22
C ASP A 186 18.60 17.02 -7.77
N LYS A 187 19.87 16.94 -7.35
CA LYS A 187 20.73 15.90 -7.91
C LYS A 187 20.08 14.54 -7.75
N SER A 188 19.53 14.24 -6.58
CA SER A 188 18.95 12.92 -6.46
C SER A 188 17.66 12.76 -7.27
N ILE A 189 17.00 13.88 -7.61
CA ILE A 189 15.78 13.89 -8.39
C ILE A 189 16.10 13.66 -9.86
N GLU A 190 17.13 14.36 -10.35
CA GLU A 190 17.74 14.13 -11.66
C GLU A 190 18.14 12.67 -11.84
N ASP A 191 18.71 12.05 -10.81
CA ASP A 191 19.11 10.65 -10.91
C ASP A 191 17.89 9.75 -11.06
N PHE A 192 16.89 9.99 -10.20
CA PHE A 192 15.63 9.27 -10.23
C PHE A 192 15.11 9.27 -11.66
N ALA A 193 15.14 10.44 -12.31
CA ALA A 193 14.62 10.57 -13.67
C ALA A 193 15.47 9.73 -14.64
N HIS A 194 16.77 9.99 -14.67
CA HIS A 194 17.66 9.22 -15.54
C HIS A 194 17.44 7.72 -15.35
N SER A 195 17.39 7.26 -14.10
CA SER A 195 17.27 5.83 -13.85
C SER A 195 15.94 5.31 -14.37
N SER A 196 14.90 6.14 -14.27
CA SER A 196 13.56 5.73 -14.69
C SER A 196 13.46 5.76 -16.21
N PHE A 197 13.97 6.83 -16.82
CA PHE A 197 14.07 6.91 -18.27
C PHE A 197 14.94 5.77 -18.83
N GLN A 198 16.04 5.41 -18.14
CA GLN A 198 16.91 4.30 -18.54
C GLN A 198 16.13 2.99 -18.52
N MET A 199 15.40 2.78 -17.42
CA MET A 199 14.76 1.50 -17.16
C MET A 199 13.72 1.27 -18.23
N ALA A 200 13.00 2.35 -18.59
CA ALA A 200 11.88 2.22 -19.51
C ALA A 200 12.41 1.76 -20.87
N LEU A 201 13.52 2.37 -21.30
CA LEU A 201 14.12 2.06 -22.59
C LEU A 201 14.60 0.62 -22.58
N SER A 202 15.35 0.26 -21.53
CA SER A 202 15.87 -1.09 -21.39
C SER A 202 14.75 -2.12 -21.56
N LYS A 203 13.59 -1.87 -20.93
CA LYS A 203 12.48 -2.82 -20.93
C LYS A 203 11.54 -2.55 -22.10
N GLY A 204 11.71 -1.40 -22.78
CA GLY A 204 10.89 -1.03 -23.94
C GLY A 204 9.43 -0.75 -23.57
N TRP A 205 9.21 0.09 -22.54
CA TRP A 205 7.88 0.31 -22.00
C TRP A 205 7.63 1.78 -21.69
N PRO A 206 6.37 2.23 -21.69
CA PRO A 206 6.03 3.56 -21.19
C PRO A 206 6.31 3.70 -19.70
N LEU A 207 6.51 4.95 -19.28
CA LEU A 207 6.92 5.32 -17.94
C LEU A 207 5.93 6.34 -17.40
N TYR A 208 5.45 6.10 -16.18
CA TYR A 208 4.62 7.07 -15.48
C TYR A 208 5.32 7.49 -14.20
N LEU A 209 5.23 8.78 -13.87
CA LEU A 209 5.60 9.25 -12.54
C LEU A 209 4.34 9.74 -11.82
N SER A 210 4.09 9.22 -10.61
CA SER A 210 2.98 9.69 -9.79
C SER A 210 3.51 10.59 -8.68
N THR A 211 2.87 11.76 -8.52
CA THR A 211 3.12 12.64 -7.39
C THR A 211 1.80 13.16 -6.82
N LYS A 212 1.91 14.00 -5.80
CA LYS A 212 0.77 14.60 -5.12
C LYS A 212 0.89 16.11 -5.28
N ASN A 213 1.13 16.58 -6.50
CA ASN A 213 1.65 17.92 -6.65
C ASN A 213 0.58 19.00 -6.55
N THR A 214 -0.69 18.62 -6.38
CA THR A 214 -1.72 19.61 -6.10
C THR A 214 -1.70 19.94 -4.61
N ILE A 215 -1.17 19.00 -3.83
CA ILE A 215 -1.05 19.16 -2.39
C ILE A 215 0.33 19.71 -2.01
N LEU A 216 1.41 19.01 -2.40
CA LEU A 216 2.75 19.54 -2.17
C LEU A 216 3.23 20.22 -3.44
N LYS A 217 2.89 21.50 -3.58
CA LYS A 217 2.96 22.11 -4.90
C LYS A 217 4.42 22.30 -5.32
N LYS A 218 5.26 22.56 -4.32
CA LYS A 218 6.63 22.97 -4.62
C LYS A 218 7.50 21.72 -4.54
N TYR A 219 7.21 20.87 -3.55
CA TYR A 219 8.02 19.71 -3.25
C TYR A 219 7.81 18.63 -4.31
N ASP A 220 6.54 18.24 -4.55
CA ASP A 220 6.24 17.27 -5.59
C ASP A 220 6.31 17.95 -6.96
N GLY A 221 6.05 19.26 -7.01
CA GLY A 221 6.15 20.01 -8.25
C GLY A 221 7.58 19.98 -8.80
N ARG A 222 8.53 19.75 -7.90
CA ARG A 222 9.90 19.80 -8.36
C ARG A 222 10.21 18.48 -9.06
N PHE A 223 9.60 17.40 -8.57
CA PHE A 223 9.78 16.12 -9.22
C PHE A 223 9.19 16.17 -10.62
N LYS A 224 7.96 16.71 -10.71
CA LYS A 224 7.25 16.73 -11.98
C LYS A 224 8.06 17.57 -12.96
N ASP A 225 8.43 18.80 -12.55
CA ASP A 225 9.19 19.68 -13.40
C ASP A 225 10.43 18.97 -13.95
N ILE A 226 11.24 18.36 -13.07
CA ILE A 226 12.55 17.89 -13.48
C ILE A 226 12.44 16.66 -14.39
N PHE A 227 11.43 15.81 -14.12
CA PHE A 227 11.18 14.69 -15.01
C PHE A 227 10.87 15.20 -16.41
N GLN A 228 9.99 16.22 -16.51
CA GLN A 228 9.59 16.75 -17.80
C GLN A 228 10.81 17.34 -18.51
N GLU A 229 11.52 18.24 -17.83
CA GLU A 229 12.68 18.94 -18.36
C GLU A 229 13.63 17.91 -18.98
N ILE A 230 13.89 16.83 -18.25
CA ILE A 230 14.92 15.89 -18.66
C ILE A 230 14.40 15.02 -19.81
N TYR A 231 13.09 14.74 -19.81
CA TYR A 231 12.48 13.99 -20.90
C TYR A 231 12.56 14.80 -22.19
N ASP A 232 11.96 16.00 -22.16
CA ASP A 232 11.94 16.92 -23.27
C ASP A 232 13.35 17.09 -23.83
N LYS A 233 14.30 17.46 -22.96
CA LYS A 233 15.62 17.82 -23.45
C LYS A 233 16.37 16.60 -23.95
N GLN A 234 16.17 15.40 -23.36
CA GLN A 234 17.18 14.38 -23.63
C GLN A 234 16.64 13.00 -23.98
N TYR A 235 15.33 12.76 -23.93
CA TYR A 235 14.89 11.36 -23.92
C TYR A 235 13.69 11.10 -24.84
N LYS A 236 12.93 12.14 -25.17
CA LYS A 236 11.68 11.98 -25.89
C LYS A 236 11.91 11.30 -27.25
N SER A 237 12.84 11.86 -28.03
CA SER A 237 13.31 11.24 -29.26
C SER A 237 13.45 9.73 -29.09
N GLN A 238 14.28 9.33 -28.13
CA GLN A 238 14.56 7.92 -28.02
C GLN A 238 13.31 7.17 -27.55
N PHE A 239 12.32 7.91 -27.05
CA PHE A 239 11.10 7.28 -26.56
C PHE A 239 10.14 7.00 -27.71
N GLU A 240 10.00 8.00 -28.60
CA GLU A 240 9.13 7.87 -29.76
C GLU A 240 9.69 6.80 -30.72
N ALA A 241 11.02 6.62 -30.72
CA ALA A 241 11.67 5.68 -31.62
C ALA A 241 11.37 4.22 -31.24
N GLN A 242 11.00 3.98 -29.96
CA GLN A 242 10.61 2.66 -29.50
C GLN A 242 9.11 2.69 -29.20
N LYS A 243 8.47 3.76 -29.66
CA LYS A 243 7.02 3.88 -29.66
C LYS A 243 6.45 3.89 -28.24
N ILE A 244 7.28 4.26 -27.26
CA ILE A 244 6.82 4.45 -25.88
C ILE A 244 6.74 5.94 -25.58
N TRP A 245 6.36 6.28 -24.35
CA TRP A 245 6.14 7.69 -23.99
C TRP A 245 6.28 7.85 -22.48
N TYR A 246 6.39 9.10 -22.02
CA TYR A 246 6.42 9.39 -20.60
C TYR A 246 5.26 10.31 -20.23
N GLU A 247 4.65 10.09 -19.06
CA GLU A 247 3.56 10.95 -18.64
C GLU A 247 3.56 11.09 -17.11
N HIS A 248 3.14 12.26 -16.61
CA HIS A 248 2.99 12.48 -15.17
C HIS A 248 1.53 12.29 -14.79
N ARG A 249 1.29 11.62 -13.65
CA ARG A 249 -0.06 11.41 -13.14
C ARG A 249 -0.08 11.69 -11.64
N LEU A 250 -1.17 12.32 -11.19
CA LEU A 250 -1.47 12.42 -9.77
C LEU A 250 -1.74 11.01 -9.28
N ILE A 251 -1.39 10.77 -8.01
CA ILE A 251 -1.35 9.43 -7.49
C ILE A 251 -2.71 8.73 -7.63
N ASP A 252 -3.82 9.43 -7.36
CA ASP A 252 -5.14 8.83 -7.48
C ASP A 252 -5.41 8.40 -8.92
N ASP A 253 -5.11 9.31 -9.85
CA ASP A 253 -5.33 9.03 -11.26
C ASP A 253 -4.47 7.83 -11.64
N MET A 254 -3.24 7.82 -11.16
CA MET A 254 -2.33 6.76 -11.56
C MET A 254 -2.83 5.43 -11.04
N VAL A 255 -3.28 5.41 -9.78
CA VAL A 255 -3.76 4.14 -9.24
C VAL A 255 -4.92 3.66 -10.12
N ALA A 256 -5.86 4.58 -10.41
CA ALA A 256 -7.04 4.24 -11.18
C ALA A 256 -6.62 3.66 -12.54
N GLN A 257 -5.77 4.40 -13.27
CA GLN A 257 -5.25 3.94 -14.54
C GLN A 257 -4.66 2.53 -14.40
N ALA A 258 -3.90 2.33 -13.32
CA ALA A 258 -3.21 1.06 -13.15
C ALA A 258 -4.21 -0.06 -12.87
N MET A 259 -5.31 0.23 -12.17
CA MET A 259 -6.35 -0.79 -11.94
C MET A 259 -6.89 -1.33 -13.26
N LYS A 260 -7.08 -0.45 -14.27
CA LYS A 260 -7.69 -0.85 -15.53
C LYS A 260 -6.65 -1.31 -16.55
N SER A 261 -5.37 -1.35 -16.17
CA SER A 261 -4.31 -1.53 -17.16
C SER A 261 -4.03 -3.02 -17.43
N GLU A 262 -3.33 -3.30 -18.53
CA GLU A 262 -2.82 -4.63 -18.82
C GLU A 262 -1.45 -4.83 -18.19
N GLY A 263 -0.83 -3.75 -17.72
CA GLY A 263 0.55 -3.89 -17.31
C GLY A 263 1.52 -3.39 -18.39
N GLY A 264 2.80 -3.74 -18.25
CA GLY A 264 3.78 -3.32 -19.25
C GLY A 264 4.11 -1.83 -19.08
N PHE A 265 4.42 -1.43 -17.86
CA PHE A 265 4.87 -0.05 -17.68
C PHE A 265 5.84 0.08 -16.53
N ILE A 266 6.61 1.16 -16.60
CA ILE A 266 7.45 1.53 -15.48
C ILE A 266 6.64 2.56 -14.67
N TRP A 267 6.68 2.40 -13.34
CA TRP A 267 6.02 3.30 -12.41
C TRP A 267 7.06 3.90 -11.45
N ALA A 268 7.38 5.18 -11.66
CA ALA A 268 8.20 5.94 -10.74
C ALA A 268 7.28 6.65 -9.77
N CYS A 269 7.42 6.37 -8.46
CA CYS A 269 6.63 7.08 -7.46
C CYS A 269 7.47 7.57 -6.27
N LYS A 270 6.89 8.46 -5.47
CA LYS A 270 7.47 8.77 -4.16
C LYS A 270 6.76 7.98 -3.06
N VAL A 276 7.08 1.21 1.21
CA VAL A 276 6.91 0.22 2.33
C VAL A 276 5.50 -0.37 2.27
N GLN A 277 4.63 0.22 1.45
CA GLN A 277 3.32 -0.35 1.19
C GLN A 277 3.47 -1.63 0.36
N SER A 278 4.50 -1.67 -0.50
CA SER A 278 4.75 -2.76 -1.43
C SER A 278 5.05 -4.08 -0.71
N ASP A 279 6.06 -4.04 0.19
CA ASP A 279 6.39 -5.24 0.95
C ASP A 279 5.15 -5.69 1.71
N SER A 280 4.39 -4.72 2.24
CA SER A 280 3.16 -5.04 2.95
C SER A 280 2.23 -5.85 2.04
N VAL A 281 1.98 -5.35 0.83
CA VAL A 281 1.11 -6.02 -0.11
C VAL A 281 1.66 -7.41 -0.48
N ALA A 282 2.93 -7.48 -0.92
CA ALA A 282 3.58 -8.73 -1.32
C ALA A 282 3.63 -9.72 -0.14
N GLN A 283 4.12 -9.26 1.01
CA GLN A 283 4.17 -10.05 2.23
C GLN A 283 2.78 -10.57 2.57
N GLY A 284 1.79 -9.66 2.53
CA GLY A 284 0.42 -9.94 2.88
C GLY A 284 -0.20 -11.04 2.02
N TYR A 285 0.01 -10.95 0.70
CA TYR A 285 -0.47 -11.96 -0.23
C TYR A 285 0.24 -13.30 0.01
N GLY A 286 1.57 -13.25 0.22
CA GLY A 286 2.41 -14.44 0.39
C GLY A 286 3.28 -14.71 -0.84
N SER A 287 4.01 -13.70 -1.29
CA SER A 287 4.64 -13.72 -2.59
C SER A 287 5.98 -13.00 -2.55
N LEU A 288 6.56 -12.89 -1.33
CA LEU A 288 7.79 -12.16 -1.15
C LEU A 288 8.93 -12.88 -1.88
N GLY A 289 8.78 -14.21 -2.02
CA GLY A 289 9.74 -15.03 -2.72
C GLY A 289 9.74 -14.76 -4.24
N MET A 290 8.79 -13.96 -4.71
CA MET A 290 8.63 -13.77 -6.14
C MET A 290 8.88 -12.31 -6.44
N MET A 291 9.44 -11.57 -5.47
CA MET A 291 9.72 -10.17 -5.72
C MET A 291 11.21 -9.94 -5.89
N THR A 292 11.60 -9.38 -7.04
CA THR A 292 13.00 -9.10 -7.25
C THR A 292 13.20 -7.59 -7.19
N SER A 293 14.47 -7.19 -7.02
CA SER A 293 14.84 -5.81 -6.75
C SER A 293 16.09 -5.47 -7.56
N VAL A 294 16.11 -4.32 -8.24
CA VAL A 294 17.30 -3.93 -8.95
C VAL A 294 17.60 -2.47 -8.64
N LEU A 295 18.82 -2.20 -8.19
CA LEU A 295 19.27 -0.84 -8.01
C LEU A 295 19.86 -0.41 -9.35
N VAL A 296 19.31 0.65 -9.93
CA VAL A 296 19.73 1.05 -11.25
C VAL A 296 20.35 2.43 -11.17
N CYS A 297 21.65 2.52 -11.47
CA CYS A 297 22.34 3.80 -11.37
C CYS A 297 22.01 4.68 -12.57
N PRO A 298 22.10 6.02 -12.40
CA PRO A 298 21.59 6.94 -13.42
C PRO A 298 22.41 6.90 -14.71
N ASP A 299 23.57 6.23 -14.63
CA ASP A 299 24.53 6.18 -15.73
C ASP A 299 24.11 5.13 -16.76
N GLY A 300 23.07 4.34 -16.45
CA GLY A 300 22.64 3.28 -17.35
C GLY A 300 23.59 2.08 -17.39
N LYS A 301 24.70 2.12 -16.63
CA LYS A 301 25.73 1.10 -16.72
C LYS A 301 25.78 0.21 -15.47
N THR A 302 25.55 0.80 -14.30
CA THR A 302 25.84 0.09 -13.08
C THR A 302 24.53 -0.34 -12.44
N VAL A 303 24.41 -1.65 -12.17
CA VAL A 303 23.23 -2.19 -11.53
C VAL A 303 23.64 -3.13 -10.39
N GLU A 304 22.72 -3.31 -9.46
CA GLU A 304 22.91 -4.26 -8.38
C GLU A 304 21.57 -4.92 -8.14
N ALA A 305 21.54 -6.26 -8.27
CA ALA A 305 20.33 -7.05 -8.20
C ALA A 305 20.34 -7.89 -6.93
N GLU A 306 19.14 -8.04 -6.31
CA GLU A 306 18.95 -8.90 -5.16
C GLU A 306 17.47 -9.23 -4.96
N ALA A 307 17.21 -10.24 -4.11
CA ALA A 307 15.86 -10.56 -3.69
C ALA A 307 15.28 -9.34 -2.99
N ALA A 308 13.99 -9.10 -3.14
CA ALA A 308 13.48 -7.96 -2.38
C ALA A 308 13.14 -8.39 -0.95
N HIS A 309 13.29 -9.66 -0.63
CA HIS A 309 12.94 -10.16 0.68
C HIS A 309 14.19 -10.29 1.58
N GLY A 310 13.98 -10.67 2.86
CA GLY A 310 15.04 -10.82 3.84
C GLY A 310 15.62 -12.24 3.84
N THR A 311 16.35 -12.55 4.90
CA THR A 311 17.18 -13.74 4.98
C THR A 311 16.35 -14.92 5.46
N VAL A 312 15.06 -14.68 5.69
CA VAL A 312 14.10 -15.72 6.04
C VAL A 312 14.56 -16.45 7.30
N THR A 313 14.76 -15.69 8.37
CA THR A 313 15.26 -16.21 9.65
C THR A 313 14.43 -17.40 10.12
N ARG A 314 13.09 -17.31 9.99
CA ARG A 314 12.21 -18.37 10.49
C ARG A 314 12.60 -19.71 9.85
N HIS A 315 12.75 -19.73 8.53
CA HIS A 315 13.12 -20.96 7.83
C HIS A 315 14.52 -21.38 8.26
N TYR A 316 15.42 -20.41 8.41
CA TYR A 316 16.78 -20.70 8.86
C TYR A 316 16.75 -21.34 10.24
N ARG A 317 15.86 -20.84 11.12
CA ARG A 317 15.71 -21.44 12.44
C ARG A 317 15.38 -22.94 12.34
N MET A 318 14.42 -23.31 11.48
CA MET A 318 14.05 -24.71 11.34
C MET A 318 15.19 -25.50 10.73
N TYR A 319 15.96 -24.86 9.83
CA TYR A 319 17.02 -25.57 9.14
C TYR A 319 18.17 -25.87 10.10
N GLN A 320 18.37 -24.97 11.08
CA GLN A 320 19.40 -25.18 12.07
C GLN A 320 19.03 -26.40 12.91
N LYS A 321 17.72 -26.62 13.07
CA LYS A 321 17.19 -27.74 13.83
C LYS A 321 17.12 -29.00 12.96
N GLY A 322 17.62 -28.93 11.71
CA GLY A 322 17.64 -30.11 10.86
C GLY A 322 16.25 -30.57 10.43
N GLN A 323 15.27 -29.68 10.56
CA GLN A 323 13.93 -29.90 10.03
C GLN A 323 13.88 -29.46 8.57
N GLU A 324 12.80 -29.87 7.90
CA GLU A 324 12.61 -29.62 6.48
C GLU A 324 12.20 -28.16 6.29
N THR A 325 12.69 -27.51 5.24
CA THR A 325 12.26 -26.16 4.92
C THR A 325 11.71 -26.10 3.49
N SER A 326 10.93 -25.08 3.18
CA SER A 326 10.50 -24.88 1.80
C SER A 326 10.55 -23.38 1.51
N THR A 327 11.75 -22.93 1.16
CA THR A 327 12.04 -21.53 0.92
C THR A 327 12.12 -21.27 -0.59
N ASN A 328 11.49 -20.20 -1.01
CA ASN A 328 11.41 -19.91 -2.43
C ASN A 328 12.74 -19.28 -2.90
N PRO A 329 13.46 -19.90 -3.87
CA PRO A 329 14.75 -19.35 -4.32
C PRO A 329 14.61 -18.41 -5.51
N ILE A 330 13.37 -18.24 -5.98
CA ILE A 330 13.13 -17.58 -7.25
C ILE A 330 13.70 -16.16 -7.27
N ALA A 331 13.39 -15.35 -6.25
CA ALA A 331 13.83 -13.97 -6.28
C ALA A 331 15.36 -13.95 -6.23
N SER A 332 15.95 -14.96 -5.60
CA SER A 332 17.39 -14.96 -5.48
C SER A 332 17.95 -15.34 -6.85
N ILE A 333 17.25 -16.27 -7.51
CA ILE A 333 17.70 -16.71 -8.81
C ILE A 333 17.64 -15.55 -9.77
N PHE A 334 16.59 -14.72 -9.63
CA PHE A 334 16.36 -13.64 -10.57
C PHE A 334 17.37 -12.52 -10.32
N ALA A 335 17.92 -12.47 -9.11
CA ALA A 335 19.00 -11.55 -8.84
C ALA A 335 20.17 -11.90 -9.76
N TRP A 336 20.49 -13.17 -9.89
CA TRP A 336 21.51 -13.62 -10.84
C TRP A 336 21.12 -13.33 -12.30
N THR A 337 19.90 -13.72 -12.69
CA THR A 337 19.56 -13.63 -14.09
C THR A 337 19.48 -12.17 -14.51
N ARG A 338 19.01 -11.31 -13.60
CA ARG A 338 18.98 -9.89 -13.93
C ARG A 338 20.38 -9.31 -14.02
N GLY A 339 21.28 -9.73 -13.11
CA GLY A 339 22.63 -9.23 -13.17
C GLY A 339 23.32 -9.75 -14.42
N LEU A 340 23.10 -11.04 -14.72
CA LEU A 340 23.83 -11.61 -15.85
C LEU A 340 23.28 -11.02 -17.14
N ALA A 341 21.99 -10.69 -17.18
CA ALA A 341 21.44 -10.15 -18.42
C ALA A 341 22.06 -8.78 -18.67
N HIS A 342 22.16 -8.00 -17.59
CA HIS A 342 22.78 -6.69 -17.74
C HIS A 342 24.24 -6.82 -18.18
N ARG A 343 24.96 -7.74 -17.53
CA ARG A 343 26.35 -7.97 -17.88
C ARG A 343 26.43 -8.35 -19.37
N ALA A 344 25.54 -9.26 -19.82
CA ALA A 344 25.45 -9.72 -21.20
C ALA A 344 25.18 -8.56 -22.15
N LYS A 345 24.32 -7.64 -21.72
CA LYS A 345 23.97 -6.48 -22.52
C LYS A 345 25.21 -5.59 -22.62
N LEU A 346 25.97 -5.45 -21.54
CA LEU A 346 27.08 -4.49 -21.51
C LEU A 346 28.17 -4.91 -22.48
N ASP A 347 28.42 -6.21 -22.58
CA ASP A 347 29.56 -6.75 -23.29
C ASP A 347 29.11 -7.38 -24.61
N ASN A 348 27.83 -7.15 -24.98
CA ASN A 348 27.19 -7.81 -26.12
C ASN A 348 27.54 -9.30 -26.11
N ASN A 349 27.16 -9.98 -25.04
CA ASN A 349 27.46 -11.39 -24.92
C ASN A 349 26.18 -12.19 -25.10
N LYS A 350 25.95 -12.63 -26.35
CA LYS A 350 24.73 -13.32 -26.78
C LYS A 350 24.56 -14.67 -26.09
N GLU A 351 25.66 -15.38 -25.81
CA GLU A 351 25.52 -16.67 -25.15
C GLU A 351 24.97 -16.50 -23.73
N LEU A 352 25.54 -15.52 -23.00
CA LEU A 352 25.16 -15.24 -21.62
C LEU A 352 23.72 -14.73 -21.58
N ALA A 353 23.36 -13.81 -22.49
CA ALA A 353 22.01 -13.27 -22.62
C ALA A 353 21.02 -14.42 -22.72
N PHE A 354 21.28 -15.29 -23.69
CA PHE A 354 20.44 -16.46 -23.82
C PHE A 354 20.34 -17.22 -22.48
N PHE A 355 21.49 -17.53 -21.90
CA PHE A 355 21.52 -18.33 -20.69
C PHE A 355 20.70 -17.68 -19.57
N ALA A 356 20.84 -16.38 -19.38
CA ALA A 356 20.02 -15.71 -18.38
C ALA A 356 18.51 -15.90 -18.65
N ASN A 357 18.05 -15.73 -19.89
CA ASN A 357 16.64 -15.89 -20.20
C ASN A 357 16.21 -17.32 -19.88
N ALA A 358 17.03 -18.26 -20.34
CA ALA A 358 16.70 -19.67 -20.21
C ALA A 358 16.53 -20.01 -18.72
N LEU A 359 17.36 -19.40 -17.87
CA LEU A 359 17.29 -19.69 -16.44
C LEU A 359 16.00 -19.09 -15.86
N GLU A 360 15.61 -17.90 -16.32
CA GLU A 360 14.37 -17.28 -15.87
C GLU A 360 13.19 -18.14 -16.31
N GLU A 361 13.22 -18.57 -17.58
CA GLU A 361 12.12 -19.31 -18.18
C GLU A 361 11.96 -20.70 -17.55
N VAL A 362 13.07 -21.41 -17.31
CA VAL A 362 12.93 -22.71 -16.68
C VAL A 362 12.35 -22.51 -15.28
N SER A 363 12.65 -21.37 -14.64
CA SER A 363 12.22 -21.23 -13.26
C SER A 363 10.69 -21.11 -13.21
N ILE A 364 10.17 -20.22 -14.05
CA ILE A 364 8.75 -19.95 -14.20
C ILE A 364 8.05 -21.24 -14.62
N GLU A 365 8.59 -21.90 -15.66
CA GLU A 365 7.99 -23.08 -16.24
C GLU A 365 7.90 -24.18 -15.19
N THR A 366 8.96 -24.35 -14.39
CA THR A 366 8.93 -25.36 -13.36
C THR A 366 7.73 -25.10 -12.44
N ILE A 367 7.56 -23.86 -11.99
CA ILE A 367 6.43 -23.52 -11.15
C ILE A 367 5.11 -23.77 -11.92
N GLU A 368 5.09 -23.38 -13.21
CA GLU A 368 3.87 -23.46 -14.01
C GLU A 368 3.43 -24.90 -14.18
N ALA A 369 4.39 -25.83 -14.12
CA ALA A 369 4.14 -27.25 -14.34
C ALA A 369 3.66 -27.89 -13.04
N GLY A 370 3.58 -27.10 -11.97
CA GLY A 370 3.09 -27.69 -10.74
C GLY A 370 4.16 -28.03 -9.68
N PHE A 371 5.45 -27.78 -9.95
CA PHE A 371 6.50 -27.97 -8.94
C PHE A 371 6.87 -26.64 -8.29
N MET A 372 6.66 -26.50 -6.98
CA MET A 372 6.81 -25.20 -6.33
C MET A 372 7.08 -25.39 -4.85
N THR A 373 7.41 -24.27 -4.20
CA THR A 373 7.65 -24.28 -2.78
C THR A 373 6.33 -23.94 -2.07
N LYS A 374 6.29 -24.19 -0.77
CA LYS A 374 5.06 -24.17 0.01
C LYS A 374 4.37 -22.81 -0.11
N ASP A 375 5.15 -21.73 0.00
CA ASP A 375 4.63 -20.36 -0.07
C ASP A 375 3.74 -20.17 -1.33
N LEU A 376 4.12 -20.78 -2.45
CA LEU A 376 3.39 -20.57 -3.68
C LEU A 376 2.21 -21.55 -3.71
N ALA A 377 2.37 -22.72 -3.11
CA ALA A 377 1.22 -23.60 -2.96
C ALA A 377 0.11 -22.87 -2.19
N ALA A 378 0.50 -22.09 -1.17
CA ALA A 378 -0.49 -21.43 -0.33
C ALA A 378 -1.23 -20.38 -1.15
N CYS A 379 -0.47 -19.69 -2.00
CA CYS A 379 -1.05 -18.64 -2.81
C CYS A 379 -2.17 -19.25 -3.66
N ILE A 380 -1.94 -20.49 -4.05
CA ILE A 380 -2.83 -21.18 -4.95
C ILE A 380 -4.00 -21.69 -4.11
N LYS A 381 -3.69 -22.34 -2.98
CA LYS A 381 -4.68 -23.16 -2.31
C LYS A 381 -5.21 -22.50 -1.03
N GLY A 382 -4.49 -21.50 -0.52
CA GLY A 382 -4.70 -21.01 0.84
C GLY A 382 -3.96 -21.91 1.84
N LEU A 383 -3.21 -21.29 2.75
CA LEU A 383 -2.26 -22.00 3.61
C LEU A 383 -2.89 -23.22 4.29
N PRO A 384 -4.12 -23.08 4.87
CA PRO A 384 -4.77 -24.17 5.60
C PRO A 384 -5.13 -25.39 4.75
N ASN A 385 -5.34 -25.14 3.45
CA ASN A 385 -5.64 -26.15 2.46
C ASN A 385 -4.38 -26.78 1.84
N VAL A 386 -3.17 -26.42 2.31
CA VAL A 386 -1.95 -26.96 1.72
C VAL A 386 -1.56 -28.26 2.41
N GLN A 387 -1.09 -29.23 1.63
CA GLN A 387 -0.56 -30.48 2.18
C GLN A 387 0.86 -30.72 1.64
N ARG A 388 1.52 -31.76 2.18
CA ARG A 388 2.93 -31.99 1.91
C ARG A 388 3.13 -32.33 0.44
N SER A 389 2.17 -33.04 -0.15
CA SER A 389 2.36 -33.56 -1.49
C SER A 389 2.14 -32.42 -2.48
N ASP A 390 1.76 -31.25 -2.00
CA ASP A 390 1.53 -30.10 -2.87
C ASP A 390 2.84 -29.37 -3.21
N TYR A 391 3.95 -29.64 -2.51
CA TYR A 391 5.05 -28.74 -2.78
C TYR A 391 6.37 -29.45 -2.60
N LEU A 392 7.45 -28.76 -2.97
CA LEU A 392 8.79 -29.29 -2.79
C LEU A 392 9.48 -28.54 -1.65
N ASN A 393 10.39 -29.25 -0.97
CA ASN A 393 11.24 -28.57 -0.02
C ASN A 393 12.35 -27.84 -0.77
N THR A 394 13.14 -27.10 0.00
CA THR A 394 14.09 -26.18 -0.56
C THR A 394 15.01 -26.93 -1.53
N PHE A 395 15.52 -28.09 -1.09
CA PHE A 395 16.52 -28.85 -1.82
C PHE A 395 15.94 -29.61 -3.02
N GLU A 396 14.75 -30.18 -2.87
CA GLU A 396 14.05 -30.82 -3.98
C GLU A 396 13.80 -29.80 -5.10
N PHE A 397 13.40 -28.60 -4.69
CA PHE A 397 13.00 -27.64 -5.69
C PHE A 397 14.21 -27.21 -6.53
N MET A 398 15.31 -26.90 -5.85
CA MET A 398 16.57 -26.55 -6.48
C MET A 398 17.01 -27.67 -7.41
N ASP A 399 16.94 -28.92 -6.94
CA ASP A 399 17.32 -30.06 -7.75
C ASP A 399 16.48 -30.14 -9.01
N LYS A 400 15.17 -29.94 -8.85
CA LYS A 400 14.23 -29.94 -9.96
C LYS A 400 14.64 -28.88 -11.00
N LEU A 401 14.87 -27.64 -10.54
CA LEU A 401 15.29 -26.57 -11.43
C LEU A 401 16.56 -26.99 -12.19
N GLY A 402 17.48 -27.67 -11.47
CA GLY A 402 18.73 -28.12 -12.05
C GLY A 402 18.54 -29.11 -13.22
N GLU A 403 17.68 -30.12 -13.03
CA GLU A 403 17.43 -31.07 -14.12
C GLU A 403 16.78 -30.32 -15.30
N ASN A 404 15.74 -29.52 -15.02
CA ASN A 404 15.01 -28.84 -16.09
C ASN A 404 15.93 -27.90 -16.85
N LEU A 405 16.79 -27.16 -16.13
CA LEU A 405 17.68 -26.23 -16.80
C LEU A 405 18.60 -27.01 -17.72
N LYS A 406 19.17 -28.10 -17.21
CA LYS A 406 20.09 -28.92 -17.99
C LYS A 406 19.38 -29.46 -19.26
N ILE A 407 18.18 -30.01 -19.12
CA ILE A 407 17.41 -30.41 -20.29
C ILE A 407 17.15 -29.21 -21.21
N LYS A 408 16.81 -28.05 -20.67
CA LYS A 408 16.44 -26.98 -21.55
C LYS A 408 17.63 -26.60 -22.45
N LEU A 409 18.81 -26.51 -21.83
CA LEU A 409 19.94 -25.98 -22.58
C LEU A 409 20.35 -27.02 -23.61
N ALA A 410 20.09 -28.27 -23.27
CA ALA A 410 20.47 -29.32 -24.20
C ALA A 410 19.61 -29.17 -25.46
N GLN A 411 18.35 -28.83 -25.26
CA GLN A 411 17.43 -28.72 -26.37
C GLN A 411 17.75 -27.45 -27.18
N ALA A 412 18.44 -26.47 -26.58
CA ALA A 412 18.69 -25.22 -27.27
C ALA A 412 19.82 -25.36 -28.30
N LYS A 413 20.53 -26.48 -28.23
CA LYS A 413 21.76 -26.74 -28.97
C LYS A 413 21.52 -27.92 -29.94
N LYS B 3 -48.34 -0.04 10.57
CA LYS B 3 -47.47 1.11 10.96
C LYS B 3 -46.03 0.63 11.11
N LYS B 4 -45.08 1.53 10.83
CA LYS B 4 -43.67 1.19 10.77
C LYS B 4 -42.88 1.96 11.82
N ILE B 5 -41.55 1.78 11.79
CA ILE B 5 -40.64 2.25 12.83
C ILE B 5 -40.40 3.76 12.70
N SER B 6 -40.30 4.45 13.85
CA SER B 6 -39.85 5.83 13.88
C SER B 6 -38.33 5.88 14.01
N GLY B 7 -37.65 6.30 12.94
CA GLY B 7 -36.19 6.28 12.88
C GLY B 7 -35.54 7.53 13.48
N GLY B 8 -36.26 8.64 13.50
CA GLY B 8 -35.67 9.89 13.93
C GLY B 8 -34.84 10.57 12.83
N SER B 9 -33.87 11.38 13.27
CA SER B 9 -33.30 12.37 12.39
C SER B 9 -32.08 11.78 11.69
N VAL B 10 -32.15 11.70 10.35
CA VAL B 10 -31.06 11.16 9.57
C VAL B 10 -30.68 12.11 8.46
N VAL B 11 -29.37 12.33 8.31
CA VAL B 11 -28.88 13.07 7.17
C VAL B 11 -28.50 12.10 6.04
N GLU B 12 -29.01 12.39 4.83
CA GLU B 12 -28.83 11.49 3.71
C GLU B 12 -28.31 12.26 2.51
N MET B 13 -27.30 11.71 1.82
CA MET B 13 -26.74 12.44 0.69
C MET B 13 -26.81 11.58 -0.57
N GLN B 14 -27.59 12.08 -1.55
CA GLN B 14 -27.70 11.45 -2.86
C GLN B 14 -26.41 11.71 -3.65
N GLY B 15 -26.06 10.78 -4.56
CA GLY B 15 -24.83 10.84 -5.33
C GLY B 15 -25.02 10.64 -6.85
N ASP B 16 -24.04 9.98 -7.47
CA ASP B 16 -23.91 10.01 -8.91
C ASP B 16 -23.89 8.58 -9.44
N GLU B 17 -24.28 8.47 -10.72
CA GLU B 17 -24.05 7.35 -11.61
C GLU B 17 -24.68 6.07 -11.08
N MET B 18 -23.97 4.92 -11.15
CA MET B 18 -24.59 3.65 -10.81
C MET B 18 -25.07 3.67 -9.38
N THR B 19 -24.32 4.33 -8.49
CA THR B 19 -24.67 4.26 -7.08
C THR B 19 -25.94 5.08 -6.81
N ARG B 20 -26.16 6.12 -7.63
CA ARG B 20 -27.33 6.94 -7.41
C ARG B 20 -28.56 6.04 -7.59
N ILE B 21 -28.52 5.23 -8.65
CA ILE B 21 -29.57 4.28 -8.97
C ILE B 21 -29.81 3.28 -7.82
N ILE B 22 -28.73 2.64 -7.34
CA ILE B 22 -28.81 1.63 -6.30
C ILE B 22 -29.30 2.22 -4.99
N TRP B 23 -28.83 3.43 -4.70
CA TRP B 23 -29.19 4.14 -3.49
C TRP B 23 -30.71 4.36 -3.43
N GLU B 24 -31.32 4.65 -4.59
CA GLU B 24 -32.75 4.86 -4.62
C GLU B 24 -33.51 3.54 -4.42
N LEU B 25 -33.07 2.51 -5.14
CA LEU B 25 -33.55 1.15 -4.92
C LEU B 25 -33.42 0.78 -3.44
N ILE B 26 -32.27 1.08 -2.82
CA ILE B 26 -32.16 0.75 -1.41
C ILE B 26 -33.25 1.48 -0.64
N LYS B 27 -33.43 2.77 -0.94
CA LYS B 27 -34.41 3.55 -0.21
C LYS B 27 -35.82 2.98 -0.44
N GLU B 28 -36.15 2.69 -1.71
CA GLU B 28 -37.50 2.31 -2.07
C GLU B 28 -37.82 0.91 -1.53
N LYS B 29 -36.88 -0.03 -1.69
CA LYS B 29 -37.20 -1.41 -1.40
C LYS B 29 -36.82 -1.82 0.02
N LEU B 30 -35.77 -1.22 0.62
CA LEU B 30 -35.30 -1.80 1.88
C LEU B 30 -35.61 -0.91 3.08
N ILE B 31 -35.73 0.39 2.88
CA ILE B 31 -35.77 1.29 4.03
C ILE B 31 -37.19 1.84 4.21
N PHE B 32 -37.69 2.55 3.20
CA PHE B 32 -38.90 3.36 3.36
C PHE B 32 -40.12 2.51 3.69
N PRO B 33 -40.23 1.24 3.23
CA PRO B 33 -41.32 0.36 3.64
C PRO B 33 -41.42 0.11 5.14
N TYR B 34 -40.32 0.28 5.88
CA TYR B 34 -40.29 -0.21 7.25
C TYR B 34 -39.95 0.88 8.26
N VAL B 35 -39.29 1.95 7.78
CA VAL B 35 -38.80 3.00 8.66
C VAL B 35 -39.27 4.35 8.11
N GLU B 36 -39.72 5.23 9.00
CA GLU B 36 -40.03 6.61 8.69
C GLU B 36 -38.89 7.42 9.32
N LEU B 37 -38.43 8.46 8.62
CA LEU B 37 -37.29 9.23 9.10
C LEU B 37 -37.64 10.71 9.05
N ASP B 38 -37.08 11.47 10.00
CA ASP B 38 -36.94 12.91 9.77
C ASP B 38 -35.76 13.11 8.82
N LEU B 39 -36.04 12.95 7.52
CA LEU B 39 -34.99 12.89 6.51
C LEU B 39 -34.50 14.28 6.14
N HIS B 40 -33.20 14.53 6.37
CA HIS B 40 -32.56 15.70 5.80
C HIS B 40 -31.75 15.28 4.58
N SER B 41 -32.32 15.44 3.39
CA SER B 41 -31.71 14.95 2.16
C SER B 41 -31.08 16.11 1.41
N TYR B 42 -29.81 15.90 1.04
CA TYR B 42 -29.06 16.82 0.20
C TYR B 42 -28.69 16.08 -1.08
N ASP B 43 -28.98 16.73 -2.21
CA ASP B 43 -28.61 16.12 -3.46
C ASP B 43 -27.16 16.51 -3.79
N LEU B 44 -26.22 15.54 -3.67
CA LEU B 44 -24.83 15.84 -3.97
C LEU B 44 -24.49 15.31 -5.36
N GLY B 45 -25.51 15.01 -6.16
CA GLY B 45 -25.27 14.79 -7.58
C GLY B 45 -24.43 15.94 -8.15
N ILE B 46 -23.70 15.64 -9.23
CA ILE B 46 -22.64 16.55 -9.65
C ILE B 46 -23.26 17.80 -10.26
N GLU B 47 -24.35 17.63 -11.00
CA GLU B 47 -25.04 18.78 -11.59
C GLU B 47 -25.61 19.67 -10.47
N ASN B 48 -26.09 19.07 -9.38
CA ASN B 48 -26.68 19.90 -8.34
C ASN B 48 -25.58 20.66 -7.59
N ARG B 49 -24.42 20.01 -7.41
CA ARG B 49 -23.26 20.68 -6.86
C ARG B 49 -22.83 21.84 -7.76
N ASP B 50 -22.79 21.62 -9.08
CA ASP B 50 -22.39 22.68 -10.00
C ASP B 50 -23.38 23.84 -9.96
N ALA B 51 -24.68 23.51 -9.93
CA ALA B 51 -25.75 24.51 -9.93
C ALA B 51 -25.68 25.39 -8.69
N THR B 52 -25.31 24.78 -7.56
CA THR B 52 -25.30 25.53 -6.32
C THR B 52 -23.90 26.00 -5.93
N ASN B 53 -22.95 25.96 -6.88
CA ASN B 53 -21.60 26.38 -6.53
C ASN B 53 -21.11 25.59 -5.30
N ASP B 54 -21.38 24.28 -5.27
CA ASP B 54 -20.95 23.39 -4.20
C ASP B 54 -21.58 23.71 -2.84
N GLN B 55 -22.55 24.63 -2.77
CA GLN B 55 -23.08 24.99 -1.46
C GLN B 55 -23.77 23.80 -0.79
N VAL B 56 -24.36 22.92 -1.62
CA VAL B 56 -25.14 21.79 -1.10
C VAL B 56 -24.21 20.87 -0.29
N THR B 57 -22.98 20.70 -0.76
CA THR B 57 -22.02 19.90 -0.02
C THR B 57 -21.73 20.48 1.37
N LYS B 58 -21.59 21.81 1.45
CA LYS B 58 -21.25 22.43 2.72
C LYS B 58 -22.42 22.30 3.68
N ASP B 59 -23.64 22.53 3.17
CA ASP B 59 -24.87 22.36 3.92
C ASP B 59 -25.00 20.93 4.43
N ALA B 60 -24.72 19.94 3.58
CA ALA B 60 -24.86 18.55 3.98
C ALA B 60 -23.96 18.25 5.18
N ALA B 61 -22.71 18.75 5.13
CA ALA B 61 -21.74 18.53 6.20
C ALA B 61 -22.20 19.14 7.52
N GLU B 62 -22.63 20.41 7.45
CA GLU B 62 -23.23 21.11 8.57
C GLU B 62 -24.43 20.30 9.09
N ALA B 63 -25.24 19.73 8.19
CA ALA B 63 -26.37 18.96 8.68
C ALA B 63 -25.90 17.76 9.50
N ILE B 64 -24.80 17.13 9.08
CA ILE B 64 -24.26 16.00 9.83
C ILE B 64 -23.80 16.44 11.24
N LYS B 65 -23.05 17.54 11.33
CA LYS B 65 -22.64 18.13 12.61
C LYS B 65 -23.87 18.29 13.50
N LYS B 66 -24.93 18.88 12.95
CA LYS B 66 -26.14 19.10 13.72
C LYS B 66 -26.81 17.77 14.12
N HIS B 67 -27.01 16.81 13.21
CA HIS B 67 -27.91 15.69 13.53
C HIS B 67 -27.18 14.38 13.88
N ASN B 68 -25.85 14.37 13.77
CA ASN B 68 -25.06 13.29 14.34
C ASN B 68 -24.93 12.07 13.42
N VAL B 69 -25.91 11.84 12.51
CA VAL B 69 -25.91 10.68 11.62
C VAL B 69 -25.99 11.08 10.15
N GLY B 70 -24.97 10.68 9.37
CA GLY B 70 -24.96 10.91 7.93
C GLY B 70 -24.77 9.59 7.19
N VAL B 71 -25.60 9.35 6.15
CA VAL B 71 -25.41 8.22 5.26
C VAL B 71 -25.25 8.75 3.84
N LYS B 72 -24.15 8.36 3.16
CA LYS B 72 -23.75 9.03 1.92
C LYS B 72 -23.53 8.04 0.78
N CYS B 73 -24.08 8.42 -0.38
CA CYS B 73 -23.96 7.73 -1.65
C CYS B 73 -22.67 8.17 -2.34
N ALA B 74 -21.96 7.27 -3.07
CA ALA B 74 -20.75 7.72 -3.75
C ALA B 74 -21.04 8.91 -4.66
N THR B 75 -20.04 9.78 -4.87
CA THR B 75 -20.20 10.99 -5.68
C THR B 75 -19.05 11.08 -6.67
N ILE B 76 -19.28 11.78 -7.80
CA ILE B 76 -18.18 11.98 -8.72
C ILE B 76 -17.22 13.04 -8.14
N THR B 77 -15.92 12.74 -8.13
CA THR B 77 -14.92 13.76 -7.83
C THR B 77 -14.37 14.30 -9.13
N PRO B 78 -14.62 15.58 -9.46
CA PRO B 78 -14.33 16.10 -10.79
C PRO B 78 -12.84 16.11 -11.09
N ASP B 79 -12.48 15.71 -12.30
CA ASP B 79 -11.19 16.05 -12.86
C ASP B 79 -11.46 16.74 -14.20
N GLU B 80 -10.41 16.90 -15.01
CA GLU B 80 -10.50 17.68 -16.23
C GLU B 80 -11.56 17.07 -17.13
N LYS B 81 -11.55 15.73 -17.25
CA LYS B 81 -12.53 15.01 -18.06
C LYS B 81 -13.96 15.27 -17.57
N ARG B 82 -14.17 15.32 -16.25
CA ARG B 82 -15.50 15.53 -15.69
C ARG B 82 -15.97 16.95 -15.98
N VAL B 83 -15.02 17.86 -16.06
CA VAL B 83 -15.34 19.24 -16.33
C VAL B 83 -15.88 19.37 -17.75
N GLU B 84 -15.20 18.70 -18.69
CA GLU B 84 -15.65 18.68 -20.08
C GLU B 84 -16.98 17.94 -20.15
N GLU B 85 -17.06 16.80 -19.46
CA GLU B 85 -18.24 15.98 -19.66
C GLU B 85 -19.49 16.68 -19.14
N PHE B 86 -19.39 17.49 -18.07
CA PHE B 86 -20.58 18.09 -17.51
C PHE B 86 -20.56 19.61 -17.65
N LYS B 87 -19.59 20.15 -18.41
CA LYS B 87 -19.47 21.59 -18.53
C LYS B 87 -19.53 22.22 -17.14
N LEU B 88 -18.70 21.72 -16.22
CA LEU B 88 -18.68 22.29 -14.88
C LEU B 88 -18.08 23.70 -14.93
N LYS B 89 -18.51 24.55 -13.99
CA LYS B 89 -18.00 25.90 -13.85
C LYS B 89 -16.60 25.89 -13.25
N GLN B 90 -16.28 24.87 -12.46
CA GLN B 90 -14.99 24.80 -11.77
C GLN B 90 -14.67 23.33 -11.56
N MET B 91 -13.42 23.05 -11.19
CA MET B 91 -13.13 21.68 -10.79
C MET B 91 -13.43 21.55 -9.30
N TRP B 92 -14.69 21.25 -8.93
CA TRP B 92 -15.08 21.32 -7.53
C TRP B 92 -14.30 20.27 -6.75
N LYS B 93 -13.97 20.58 -5.49
CA LYS B 93 -13.30 19.67 -4.59
C LYS B 93 -14.19 18.47 -4.28
N SER B 94 -13.52 17.33 -4.08
CA SER B 94 -14.10 16.13 -3.51
C SER B 94 -15.08 16.46 -2.39
N PRO B 95 -16.36 16.06 -2.51
CA PRO B 95 -17.30 16.22 -1.40
C PRO B 95 -16.78 15.55 -0.13
N ASN B 96 -16.05 14.44 -0.31
CA ASN B 96 -15.51 13.68 0.81
C ASN B 96 -14.47 14.55 1.54
N GLY B 97 -13.60 15.19 0.77
CA GLY B 97 -12.60 16.07 1.35
C GLY B 97 -13.28 17.15 2.17
N THR B 98 -14.33 17.76 1.58
CA THR B 98 -15.02 18.86 2.23
C THR B 98 -15.73 18.32 3.46
N ILE B 99 -16.29 17.11 3.35
CA ILE B 99 -17.04 16.65 4.50
C ILE B 99 -16.09 16.34 5.67
N ARG B 100 -15.01 15.60 5.38
CA ARG B 100 -14.08 15.17 6.43
C ARG B 100 -13.42 16.40 7.03
N ASN B 101 -13.20 17.42 6.20
CA ASN B 101 -12.51 18.60 6.67
C ASN B 101 -13.39 19.33 7.67
N ILE B 102 -14.71 19.19 7.53
CA ILE B 102 -15.59 19.92 8.41
C ILE B 102 -15.93 19.10 9.66
N LEU B 103 -16.06 17.78 9.53
CA LEU B 103 -16.44 16.97 10.67
C LEU B 103 -15.19 16.55 11.45
N GLY B 104 -14.06 16.37 10.77
CA GLY B 104 -12.91 15.71 11.36
C GLY B 104 -13.22 14.26 11.75
N GLY B 105 -12.24 13.55 12.29
CA GLY B 105 -12.52 12.23 12.82
C GLY B 105 -11.66 11.17 12.15
N THR B 106 -12.00 9.90 12.34
CA THR B 106 -11.18 8.81 11.84
C THR B 106 -12.05 7.91 10.97
N VAL B 107 -11.52 7.50 9.82
CA VAL B 107 -12.22 6.62 8.89
C VAL B 107 -11.90 5.16 9.23
N PHE B 108 -12.95 4.35 9.39
CA PHE B 108 -12.75 2.91 9.60
C PHE B 108 -13.37 2.13 8.45
N ARG B 109 -12.57 1.22 7.91
CA ARG B 109 -12.97 0.37 6.80
C ARG B 109 -13.14 -1.06 7.30
N GLU B 110 -14.11 -1.77 6.70
CA GLU B 110 -14.43 -3.11 7.15
C GLU B 110 -15.07 -3.83 5.98
N ALA B 111 -14.50 -4.98 5.62
CA ALA B 111 -15.07 -5.83 4.58
C ALA B 111 -16.22 -6.62 5.18
N ILE B 112 -17.35 -6.64 4.48
CA ILE B 112 -18.48 -7.45 4.92
C ILE B 112 -18.15 -8.87 4.51
N ILE B 113 -18.37 -9.82 5.43
CA ILE B 113 -17.89 -11.17 5.16
C ILE B 113 -19.06 -12.14 5.10
N CYS B 114 -18.90 -13.11 4.18
CA CYS B 114 -19.87 -14.15 3.91
C CYS B 114 -19.13 -15.49 3.89
N LYS B 115 -19.71 -16.52 4.51
CA LYS B 115 -19.10 -17.84 4.60
C LYS B 115 -18.67 -18.37 3.22
N ASN B 116 -19.46 -18.09 2.16
CA ASN B 116 -19.17 -18.67 0.85
C ASN B 116 -18.37 -17.71 -0.02
N ILE B 117 -17.78 -16.64 0.57
CA ILE B 117 -17.03 -15.67 -0.22
C ILE B 117 -15.57 -15.65 0.23
N PRO B 118 -14.61 -15.95 -0.67
CA PRO B 118 -13.21 -16.06 -0.26
C PRO B 118 -12.75 -14.72 0.32
N ARG B 119 -11.88 -14.80 1.34
CA ARG B 119 -11.27 -13.63 1.94
C ARG B 119 -9.85 -13.42 1.39
N LEU B 120 -9.44 -12.14 1.37
CA LEU B 120 -8.11 -11.78 0.93
C LEU B 120 -7.11 -12.83 1.42
N VAL B 121 -7.11 -13.11 2.72
CA VAL B 121 -6.25 -14.12 3.32
C VAL B 121 -7.13 -15.31 3.73
N SER B 122 -6.96 -16.44 3.04
CA SER B 122 -7.62 -17.69 3.40
C SER B 122 -7.28 -18.01 4.86
N GLY B 123 -8.28 -18.25 5.70
CA GLY B 123 -7.96 -18.40 7.10
C GLY B 123 -8.52 -17.29 7.99
N TRP B 124 -8.82 -16.12 7.42
CA TRP B 124 -9.58 -15.11 8.16
C TRP B 124 -11.02 -15.58 8.37
N VAL B 125 -11.52 -15.44 9.59
CA VAL B 125 -12.82 -15.99 9.94
C VAL B 125 -13.69 -14.90 10.59
N LYS B 126 -13.06 -13.87 11.14
CA LYS B 126 -13.79 -12.83 11.85
C LYS B 126 -13.43 -11.46 11.25
N PRO B 127 -14.28 -10.43 11.48
CA PRO B 127 -14.13 -9.14 10.81
C PRO B 127 -12.81 -8.50 11.21
N ILE B 128 -12.28 -7.69 10.29
CA ILE B 128 -11.15 -6.82 10.62
C ILE B 128 -11.57 -5.42 10.24
N ILE B 129 -11.35 -4.49 11.16
CA ILE B 129 -11.68 -3.10 10.93
C ILE B 129 -10.36 -2.33 10.93
N ILE B 130 -10.13 -1.53 9.88
CA ILE B 130 -8.92 -0.76 9.73
C ILE B 130 -9.19 0.74 9.89
N GLY B 131 -8.53 1.34 10.89
CA GLY B 131 -8.66 2.76 11.15
C GLY B 131 -7.43 3.53 10.68
N CYS B 132 -7.67 4.57 9.88
CA CYS B 132 -6.60 5.42 9.41
C CYS B 132 -6.70 6.79 10.08
N HIS B 133 -5.55 7.44 10.14
CA HIS B 133 -5.35 8.56 11.05
C HIS B 133 -6.48 9.61 10.93
N ARG B 140 -1.61 19.31 5.81
CA ARG B 140 -1.03 20.66 6.09
C ARG B 140 0.46 20.54 6.40
N ALA B 141 1.28 20.97 5.44
CA ALA B 141 2.73 20.99 5.53
C ALA B 141 3.23 22.22 4.79
N THR B 142 4.41 22.72 5.18
CA THR B 142 4.98 23.88 4.53
C THR B 142 6.15 23.37 3.69
N ASP B 143 5.94 23.30 2.38
CA ASP B 143 7.00 22.86 1.47
C ASP B 143 7.48 24.05 0.67
N PHE B 144 8.76 24.03 0.29
CA PHE B 144 9.30 25.11 -0.53
C PHE B 144 10.43 24.56 -1.36
N VAL B 145 10.83 25.34 -2.37
CA VAL B 145 11.96 25.06 -3.22
C VAL B 145 13.19 25.64 -2.54
N VAL B 146 14.24 24.83 -2.42
CA VAL B 146 15.56 25.28 -2.00
C VAL B 146 16.34 25.61 -3.27
N PRO B 147 16.53 26.90 -3.60
CA PRO B 147 17.03 27.30 -4.92
C PRO B 147 18.52 27.16 -5.20
N GLY B 148 19.34 27.06 -4.16
CA GLY B 148 20.74 26.76 -4.37
C GLY B 148 21.35 26.19 -3.10
N PRO B 149 22.70 25.98 -3.08
CA PRO B 149 23.38 25.45 -1.90
C PRO B 149 23.05 26.29 -0.67
N GLY B 150 23.20 25.70 0.52
CA GLY B 150 22.75 26.30 1.76
C GLY B 150 22.26 25.30 2.81
N LYS B 151 21.93 25.82 3.99
CA LYS B 151 21.58 25.01 5.13
C LYS B 151 20.08 25.12 5.32
N VAL B 152 19.39 23.99 5.45
CA VAL B 152 18.00 23.99 5.93
C VAL B 152 17.96 23.39 7.34
N GLU B 153 17.35 24.16 8.26
CA GLU B 153 17.27 23.80 9.66
C GLU B 153 15.83 23.91 10.08
N ILE B 154 15.44 23.14 11.09
CA ILE B 154 14.13 23.31 11.68
C ILE B 154 14.33 23.62 13.16
N THR B 155 13.61 24.64 13.64
CA THR B 155 13.80 25.30 14.93
C THR B 155 12.50 25.34 15.74
N TYR B 156 12.60 24.98 17.03
CA TYR B 156 11.50 25.07 17.97
C TYR B 156 11.82 26.03 19.11
N THR B 157 10.88 26.95 19.35
CA THR B 157 11.01 27.96 20.39
C THR B 157 9.78 27.84 21.28
N PRO B 158 9.92 27.41 22.55
CA PRO B 158 8.77 27.32 23.45
C PRO B 158 8.22 28.72 23.70
N SER B 159 6.91 28.86 23.97
CA SER B 159 6.43 30.23 24.07
C SER B 159 6.94 30.91 25.33
N ASP B 160 7.35 30.12 26.33
CA ASP B 160 7.95 30.70 27.54
C ASP B 160 9.36 31.24 27.32
N GLY B 161 9.87 31.19 26.08
CA GLY B 161 11.12 31.85 25.76
C GLY B 161 12.34 31.26 26.48
N THR B 162 12.18 30.11 27.15
CA THR B 162 13.24 29.55 27.97
C THR B 162 14.32 28.82 27.15
N GLN B 163 14.01 28.47 25.89
CA GLN B 163 14.93 27.63 25.14
C GLN B 163 14.77 27.76 23.62
N LYS B 164 15.78 27.36 22.85
CA LYS B 164 15.72 27.28 21.40
C LYS B 164 16.42 25.99 20.97
N VAL B 165 15.78 25.21 20.11
CA VAL B 165 16.40 23.98 19.66
C VAL B 165 16.40 24.03 18.14
N THR B 166 17.59 23.87 17.54
CA THR B 166 17.74 23.90 16.10
C THR B 166 18.24 22.53 15.65
N TYR B 167 17.52 21.91 14.71
CA TYR B 167 17.96 20.67 14.09
C TYR B 167 18.34 20.92 12.64
N LEU B 168 19.47 20.34 12.20
CA LEU B 168 19.82 20.37 10.80
C LEU B 168 18.88 19.43 10.04
N VAL B 169 18.22 19.96 9.01
CA VAL B 169 17.52 19.12 8.07
C VAL B 169 18.55 18.67 7.03
N HIS B 170 19.29 19.60 6.47
CA HIS B 170 20.22 19.17 5.43
C HIS B 170 21.09 20.34 4.98
N ASN B 171 22.35 20.03 4.75
CA ASN B 171 23.22 20.96 4.07
C ASN B 171 23.19 20.66 2.57
N PHE B 172 22.58 21.56 1.81
CA PHE B 172 22.61 21.34 0.38
C PHE B 172 23.96 21.80 -0.15
N GLU B 173 24.74 20.88 -0.71
CA GLU B 173 26.10 21.26 -1.06
C GLU B 173 26.31 21.29 -2.56
N GLU B 174 25.69 20.35 -3.30
CA GLU B 174 25.95 20.19 -4.71
C GLU B 174 24.96 21.03 -5.54
N GLY B 175 23.88 21.52 -4.91
CA GLY B 175 22.90 22.36 -5.58
C GLY B 175 21.70 22.64 -4.68
N GLY B 176 20.54 22.89 -5.29
CA GLY B 176 19.33 23.11 -4.52
C GLY B 176 18.45 21.86 -4.50
N GLY B 177 17.15 22.09 -4.33
CA GLY B 177 16.23 20.99 -4.10
C GLY B 177 14.92 21.48 -3.51
N VAL B 178 14.40 20.69 -2.58
CA VAL B 178 13.14 20.98 -1.94
C VAL B 178 13.27 20.53 -0.50
N ALA B 179 12.49 21.17 0.38
CA ALA B 179 12.42 20.86 1.79
C ALA B 179 10.98 21.10 2.26
N MET B 180 10.60 20.47 3.35
CA MET B 180 9.31 20.81 3.91
C MET B 180 9.34 20.57 5.41
N GLY B 181 8.47 21.30 6.14
CA GLY B 181 8.14 20.98 7.54
C GLY B 181 6.73 20.42 7.72
N MET B 182 6.61 19.41 8.57
CA MET B 182 5.34 18.79 8.87
C MET B 182 5.17 18.75 10.38
N TYR B 183 3.91 18.73 10.84
CA TYR B 183 3.63 18.68 12.26
C TYR B 183 2.31 17.96 12.50
N ASN B 184 2.20 17.34 13.67
CA ASN B 184 0.94 16.90 14.22
C ASN B 184 0.78 17.48 15.61
N GLN B 185 -0.44 17.94 15.91
CA GLN B 185 -0.85 18.39 17.24
C GLN B 185 -1.23 17.16 18.08
N ASP B 186 -0.93 17.23 19.37
CA ASP B 186 -1.29 16.15 20.29
C ASP B 186 -2.79 15.85 20.15
N LYS B 187 -3.60 16.92 20.08
CA LYS B 187 -5.04 16.74 20.11
C LYS B 187 -5.47 15.72 19.05
N SER B 188 -4.92 15.85 17.83
CA SER B 188 -5.30 15.02 16.72
C SER B 188 -4.97 13.56 17.00
N ILE B 189 -3.86 13.36 17.72
CA ILE B 189 -3.43 12.00 18.06
C ILE B 189 -4.36 11.45 19.13
N GLU B 190 -4.85 12.34 20.00
CA GLU B 190 -5.77 11.98 21.06
C GLU B 190 -7.10 11.54 20.45
N ASP B 191 -7.64 12.38 19.57
CA ASP B 191 -8.86 12.09 18.83
C ASP B 191 -8.81 10.71 18.19
N PHE B 192 -7.67 10.35 17.58
CA PHE B 192 -7.50 9.12 16.81
C PHE B 192 -7.52 7.92 17.76
N ALA B 193 -6.88 8.08 18.91
CA ALA B 193 -6.92 7.01 19.90
C ALA B 193 -8.37 6.84 20.38
N HIS B 194 -9.05 7.96 20.65
CA HIS B 194 -10.41 7.91 21.18
C HIS B 194 -11.34 7.09 20.30
N SER B 195 -11.55 7.57 19.08
CA SER B 195 -12.24 6.86 18.02
C SER B 195 -11.83 5.39 18.00
N SER B 196 -10.54 5.12 18.21
CA SER B 196 -10.02 3.77 18.03
C SER B 196 -10.44 2.89 19.19
N PHE B 197 -10.26 3.40 20.41
CA PHE B 197 -10.51 2.61 21.59
C PHE B 197 -12.01 2.36 21.71
N GLN B 198 -12.78 3.37 21.32
CA GLN B 198 -14.22 3.30 21.38
C GLN B 198 -14.74 2.29 20.37
N MET B 199 -14.12 2.24 19.18
CA MET B 199 -14.62 1.36 18.14
C MET B 199 -14.32 -0.06 18.57
N ALA B 200 -13.16 -0.23 19.21
CA ALA B 200 -12.81 -1.53 19.74
C ALA B 200 -13.84 -1.95 20.79
N LEU B 201 -14.34 -1.00 21.59
CA LEU B 201 -15.31 -1.29 22.63
C LEU B 201 -16.68 -1.53 22.01
N SER B 202 -17.05 -0.68 21.07
CA SER B 202 -18.32 -0.85 20.37
C SER B 202 -18.41 -2.20 19.65
N LYS B 203 -17.30 -2.73 19.11
CA LYS B 203 -17.33 -3.98 18.37
C LYS B 203 -16.96 -5.14 19.26
N GLY B 204 -16.41 -4.86 20.44
CA GLY B 204 -15.90 -5.96 21.23
C GLY B 204 -14.81 -6.74 20.50
N TRP B 205 -13.82 -6.04 19.94
CA TRP B 205 -12.60 -6.70 19.48
C TRP B 205 -11.40 -6.03 20.12
N PRO B 206 -10.26 -6.73 20.29
CA PRO B 206 -9.04 -6.05 20.71
C PRO B 206 -8.66 -5.01 19.66
N LEU B 207 -7.81 -4.06 20.05
CA LEU B 207 -7.32 -3.03 19.14
C LEU B 207 -5.80 -3.10 19.07
N TYR B 208 -5.26 -3.11 17.85
CA TYR B 208 -3.83 -2.90 17.66
C TYR B 208 -3.58 -1.57 16.96
N LEU B 209 -2.51 -0.90 17.41
CA LEU B 209 -1.93 0.24 16.71
C LEU B 209 -0.62 -0.19 16.08
N SER B 210 -0.46 0.09 14.78
CA SER B 210 0.80 -0.15 14.09
C SER B 210 1.45 1.19 13.72
N THR B 211 2.77 1.28 13.93
CA THR B 211 3.57 2.42 13.50
C THR B 211 4.91 1.91 12.96
N LYS B 212 5.69 2.84 12.39
CA LYS B 212 7.08 2.61 11.97
C LYS B 212 8.04 3.24 12.98
N ASN B 213 7.50 3.52 14.18
CA ASN B 213 8.13 3.59 15.50
C ASN B 213 9.66 3.67 15.52
N THR B 214 10.35 2.87 14.70
CA THR B 214 11.81 2.75 14.80
C THR B 214 12.52 3.75 13.86
N ILE B 215 11.94 3.99 12.67
CA ILE B 215 12.45 4.95 11.70
C ILE B 215 12.28 6.39 12.21
N LEU B 216 11.04 6.81 12.50
CA LEU B 216 10.79 8.08 13.17
C LEU B 216 10.50 7.79 14.65
N LYS B 217 11.57 7.63 15.42
CA LYS B 217 11.42 7.35 16.84
C LYS B 217 10.44 8.36 17.45
N LYS B 218 10.63 9.65 17.16
CA LYS B 218 9.92 10.67 17.93
C LYS B 218 8.50 10.85 17.40
N TYR B 219 8.35 10.94 16.08
CA TYR B 219 7.04 11.18 15.51
C TYR B 219 6.08 10.05 15.88
N ASP B 220 6.41 8.82 15.45
CA ASP B 220 5.61 7.63 15.72
C ASP B 220 5.60 7.29 17.22
N GLY B 221 6.71 7.58 17.91
CA GLY B 221 6.77 7.28 19.33
C GLY B 221 5.68 8.03 20.09
N ARG B 222 5.28 9.19 19.58
CA ARG B 222 4.31 10.02 20.26
C ARG B 222 2.93 9.40 20.07
N PHE B 223 2.76 8.60 19.02
CA PHE B 223 1.49 7.92 18.87
C PHE B 223 1.46 6.78 19.88
N LYS B 224 2.56 6.02 19.90
CA LYS B 224 2.66 4.87 20.79
C LYS B 224 2.29 5.34 22.19
N ASP B 225 2.88 6.48 22.58
CA ASP B 225 2.84 6.94 23.95
C ASP B 225 1.43 7.40 24.30
N ILE B 226 0.83 8.21 23.43
CA ILE B 226 -0.46 8.77 23.78
C ILE B 226 -1.51 7.67 23.79
N PHE B 227 -1.31 6.63 22.97
CA PHE B 227 -2.30 5.57 22.91
C PHE B 227 -2.28 4.83 24.25
N GLN B 228 -1.08 4.39 24.65
CA GLN B 228 -0.87 3.73 25.93
C GLN B 228 -1.42 4.59 27.06
N GLU B 229 -1.05 5.87 27.08
CA GLU B 229 -1.50 6.77 28.11
C GLU B 229 -3.01 6.79 28.17
N ILE B 230 -3.67 7.12 27.05
CA ILE B 230 -5.12 7.19 27.08
C ILE B 230 -5.70 5.83 27.47
N TYR B 231 -5.05 4.75 27.02
CA TYR B 231 -5.56 3.43 27.30
C TYR B 231 -5.70 3.26 28.80
N ASP B 232 -4.56 3.49 29.47
CA ASP B 232 -4.31 3.29 30.88
C ASP B 232 -5.16 4.24 31.73
N LYS B 233 -5.60 5.35 31.15
CA LYS B 233 -6.29 6.33 31.94
C LYS B 233 -7.80 6.22 31.73
N GLN B 234 -8.24 5.47 30.72
CA GLN B 234 -9.67 5.58 30.44
C GLN B 234 -10.27 4.33 29.82
N TYR B 235 -9.49 3.27 29.62
CA TYR B 235 -10.07 2.19 28.83
C TYR B 235 -9.66 0.82 29.37
N LYS B 236 -8.52 0.75 30.08
CA LYS B 236 -8.06 -0.56 30.54
C LYS B 236 -9.17 -1.21 31.37
N SER B 237 -10.03 -0.37 31.97
CA SER B 237 -11.19 -0.81 32.72
C SER B 237 -12.12 -1.56 31.79
N GLN B 238 -12.83 -0.79 30.96
CA GLN B 238 -13.80 -1.31 30.01
C GLN B 238 -13.20 -2.42 29.14
N PHE B 239 -11.86 -2.47 29.00
CA PHE B 239 -11.27 -3.43 28.09
C PHE B 239 -11.29 -4.82 28.73
N GLU B 240 -10.95 -4.88 30.03
CA GLU B 240 -11.02 -6.13 30.77
C GLU B 240 -12.48 -6.53 30.96
N ALA B 241 -13.39 -5.55 30.95
CA ALA B 241 -14.82 -5.81 31.05
C ALA B 241 -15.25 -6.65 29.83
N GLN B 242 -14.86 -6.22 28.63
CA GLN B 242 -15.28 -6.95 27.46
C GLN B 242 -14.26 -8.04 27.11
N LYS B 243 -13.22 -8.16 27.93
CA LYS B 243 -12.28 -9.27 27.76
C LYS B 243 -11.41 -9.09 26.51
N ILE B 244 -11.26 -7.85 26.06
CA ILE B 244 -10.37 -7.50 24.95
C ILE B 244 -9.17 -6.73 25.50
N TRP B 245 -8.24 -6.31 24.62
CA TRP B 245 -6.98 -5.70 25.03
C TRP B 245 -6.47 -4.72 23.98
N TYR B 246 -5.47 -3.91 24.35
CA TYR B 246 -4.80 -3.01 23.41
C TYR B 246 -3.29 -3.23 23.42
N GLU B 247 -2.68 -3.31 22.23
CA GLU B 247 -1.23 -3.42 22.15
C GLU B 247 -0.71 -2.63 20.95
N HIS B 248 0.53 -2.17 21.05
CA HIS B 248 1.21 -1.52 19.93
C HIS B 248 2.01 -2.55 19.13
N ARG B 249 2.10 -2.35 17.82
CA ARG B 249 2.87 -3.28 17.00
C ARG B 249 3.63 -2.49 15.94
N LEU B 250 4.86 -2.97 15.66
CA LEU B 250 5.60 -2.57 14.48
C LEU B 250 4.86 -3.11 13.27
N ILE B 251 4.77 -2.27 12.22
CA ILE B 251 3.96 -2.60 11.06
C ILE B 251 4.37 -3.98 10.55
N ASP B 252 5.68 -4.24 10.55
CA ASP B 252 6.22 -5.49 10.01
C ASP B 252 5.69 -6.66 10.82
N ASP B 253 5.61 -6.50 12.16
CA ASP B 253 5.07 -7.55 13.00
C ASP B 253 3.55 -7.61 12.81
N MET B 254 2.94 -6.44 12.61
CA MET B 254 1.50 -6.35 12.53
C MET B 254 1.00 -7.13 11.32
N VAL B 255 1.65 -6.92 10.17
CA VAL B 255 1.30 -7.60 8.92
C VAL B 255 1.43 -9.11 9.10
N ALA B 256 2.54 -9.51 9.75
CA ALA B 256 2.83 -10.91 10.04
C ALA B 256 1.79 -11.50 10.99
N GLN B 257 1.49 -10.81 12.10
CA GLN B 257 0.50 -11.36 13.03
C GLN B 257 -0.85 -11.53 12.29
N ALA B 258 -1.20 -10.54 11.46
CA ALA B 258 -2.51 -10.51 10.84
C ALA B 258 -2.64 -11.65 9.83
N MET B 259 -1.54 -11.89 9.10
CA MET B 259 -1.37 -13.05 8.23
C MET B 259 -1.81 -14.34 8.93
N LYS B 260 -1.49 -14.48 10.22
CA LYS B 260 -1.66 -15.74 10.95
C LYS B 260 -2.94 -15.69 11.77
N SER B 261 -3.57 -14.53 11.77
CA SER B 261 -4.68 -14.33 12.69
C SER B 261 -5.97 -14.94 12.12
N GLU B 262 -6.93 -15.17 13.02
CA GLU B 262 -8.29 -15.53 12.62
C GLU B 262 -9.10 -14.28 12.29
N GLY B 263 -8.55 -13.11 12.64
CA GLY B 263 -9.29 -11.88 12.50
C GLY B 263 -10.04 -11.54 13.78
N GLY B 264 -10.87 -10.50 13.73
CA GLY B 264 -11.60 -10.07 14.90
C GLY B 264 -10.79 -9.06 15.72
N PHE B 265 -10.24 -8.07 15.03
CA PHE B 265 -9.57 -6.99 15.73
C PHE B 265 -9.76 -5.69 14.94
N ILE B 266 -9.57 -4.57 15.64
CA ILE B 266 -9.47 -3.25 15.07
C ILE B 266 -7.99 -2.98 14.91
N TRP B 267 -7.63 -2.39 13.77
CA TRP B 267 -6.27 -2.11 13.39
C TRP B 267 -6.18 -0.62 13.07
N ALA B 268 -5.69 0.18 14.04
CA ALA B 268 -5.31 1.56 13.76
C ALA B 268 -3.89 1.62 13.19
N CYS B 269 -3.73 2.31 12.05
CA CYS B 269 -2.40 2.43 11.50
C CYS B 269 -2.09 3.87 11.14
N LYS B 270 -0.85 4.27 11.45
CA LYS B 270 -0.46 5.63 11.17
C LYS B 270 -0.08 5.71 9.69
N ASN B 271 -0.86 6.48 8.93
CA ASN B 271 -0.67 6.71 7.50
C ASN B 271 -1.85 7.53 6.96
N VAL B 276 -4.53 5.92 2.48
CA VAL B 276 -3.86 4.59 2.41
C VAL B 276 -4.66 3.70 1.45
N GLN B 277 -3.98 2.68 0.93
CA GLN B 277 -4.44 1.97 -0.26
C GLN B 277 -5.24 0.73 0.12
N SER B 278 -6.07 0.85 1.16
CA SER B 278 -6.93 -0.27 1.54
C SER B 278 -7.92 -0.62 0.42
N ASP B 279 -8.49 0.41 -0.22
CA ASP B 279 -9.47 0.19 -1.29
C ASP B 279 -8.83 -0.53 -2.47
N SER B 280 -7.62 -0.11 -2.81
CA SER B 280 -6.94 -0.59 -4.00
C SER B 280 -6.74 -2.10 -3.95
N VAL B 281 -6.45 -2.62 -2.75
CA VAL B 281 -6.22 -4.05 -2.59
C VAL B 281 -7.56 -4.75 -2.72
N ALA B 282 -8.58 -4.27 -2.00
CA ALA B 282 -9.92 -4.82 -2.14
C ALA B 282 -10.35 -4.75 -3.60
N GLN B 283 -10.00 -3.68 -4.29
CA GLN B 283 -10.41 -3.49 -5.68
C GLN B 283 -9.82 -4.57 -6.60
N GLY B 284 -8.49 -4.66 -6.63
CA GLY B 284 -7.80 -5.71 -7.39
C GLY B 284 -8.35 -7.11 -7.09
N TYR B 285 -8.79 -7.30 -5.85
CA TYR B 285 -9.15 -8.62 -5.38
C TYR B 285 -10.55 -8.95 -5.83
N GLY B 286 -11.34 -7.90 -6.10
CA GLY B 286 -12.65 -8.06 -6.69
C GLY B 286 -13.77 -7.97 -5.65
N SER B 287 -13.51 -7.32 -4.51
CA SER B 287 -14.49 -7.39 -3.42
C SER B 287 -14.73 -6.00 -2.82
N LEU B 288 -14.48 -4.98 -3.62
CA LEU B 288 -14.68 -3.60 -3.22
C LEU B 288 -16.18 -3.36 -2.96
N GLY B 289 -17.04 -4.14 -3.62
CA GLY B 289 -18.48 -4.03 -3.44
C GLY B 289 -18.93 -4.40 -2.02
N MET B 290 -18.04 -5.04 -1.25
CA MET B 290 -18.33 -5.54 0.09
C MET B 290 -17.63 -4.68 1.15
N MET B 291 -16.95 -3.63 0.73
CA MET B 291 -16.14 -2.86 1.64
C MET B 291 -16.86 -1.57 2.06
N THR B 292 -17.10 -1.46 3.36
CA THR B 292 -17.81 -0.32 3.90
C THR B 292 -16.87 0.58 4.69
N SER B 293 -17.45 1.68 5.14
CA SER B 293 -16.67 2.81 5.59
C SER B 293 -17.50 3.64 6.57
N VAL B 294 -16.91 4.00 7.70
CA VAL B 294 -17.62 4.90 8.57
C VAL B 294 -16.59 5.88 9.14
N LEU B 295 -16.91 7.16 9.09
CA LEU B 295 -16.09 8.19 9.73
C LEU B 295 -16.60 8.43 11.14
N VAL B 296 -15.72 8.25 12.13
CA VAL B 296 -16.13 8.34 13.53
C VAL B 296 -15.57 9.63 14.09
N CYS B 297 -16.44 10.57 14.44
CA CYS B 297 -15.90 11.83 14.95
C CYS B 297 -15.39 11.65 16.37
N PRO B 298 -14.50 12.55 16.84
CA PRO B 298 -13.84 12.36 18.13
C PRO B 298 -14.91 12.28 19.22
N ASP B 299 -16.00 13.04 19.02
CA ASP B 299 -16.99 13.31 20.03
C ASP B 299 -17.73 12.04 20.48
N GLY B 300 -17.52 10.90 19.80
CA GLY B 300 -18.26 9.69 20.14
C GLY B 300 -19.70 9.66 19.60
N LYS B 301 -20.20 10.79 19.05
CA LYS B 301 -21.63 10.92 18.75
C LYS B 301 -21.94 10.98 17.25
N THR B 302 -21.12 11.73 16.49
CA THR B 302 -21.34 12.00 15.07
C THR B 302 -20.67 10.93 14.20
N VAL B 303 -21.43 10.34 13.27
CA VAL B 303 -20.79 9.44 12.34
C VAL B 303 -21.31 9.71 10.93
N GLU B 304 -20.46 9.41 9.93
CA GLU B 304 -20.92 9.39 8.56
C GLU B 304 -20.59 8.03 7.95
N ALA B 305 -21.59 7.36 7.37
CA ALA B 305 -21.36 6.02 6.84
C ALA B 305 -21.47 6.06 5.32
N GLU B 306 -20.59 5.31 4.65
CA GLU B 306 -20.72 5.21 3.21
C GLU B 306 -20.02 3.95 2.72
N ALA B 307 -20.25 3.64 1.46
CA ALA B 307 -19.48 2.61 0.78
C ALA B 307 -18.04 3.09 0.59
N ALA B 308 -17.12 2.14 0.40
CA ALA B 308 -15.73 2.52 0.25
C ALA B 308 -15.48 2.76 -1.23
N HIS B 309 -16.33 2.16 -2.06
CA HIS B 309 -16.16 2.27 -3.50
C HIS B 309 -16.74 3.59 -3.98
N GLY B 310 -16.52 3.91 -5.26
CA GLY B 310 -17.07 5.08 -5.92
C GLY B 310 -18.35 4.76 -6.68
N THR B 311 -18.60 5.50 -7.77
CA THR B 311 -19.91 5.54 -8.42
C THR B 311 -20.08 4.41 -9.45
N VAL B 312 -19.02 3.60 -9.62
CA VAL B 312 -19.01 2.47 -10.53
C VAL B 312 -19.41 2.96 -11.92
N THR B 313 -18.68 3.95 -12.42
CA THR B 313 -18.89 4.56 -13.73
C THR B 313 -18.96 3.51 -14.85
N ARG B 314 -18.06 2.54 -14.83
CA ARG B 314 -18.10 1.53 -15.88
C ARG B 314 -19.47 0.85 -15.94
N HIS B 315 -20.11 0.55 -14.80
CA HIS B 315 -21.39 -0.13 -14.90
C HIS B 315 -22.47 0.86 -15.35
N TYR B 316 -22.27 2.13 -14.98
CA TYR B 316 -23.24 3.15 -15.31
C TYR B 316 -23.28 3.35 -16.83
N ARG B 317 -22.11 3.34 -17.47
CA ARG B 317 -22.00 3.41 -18.92
C ARG B 317 -22.75 2.24 -19.56
N MET B 318 -22.67 1.06 -18.94
CA MET B 318 -23.37 -0.08 -19.51
C MET B 318 -24.86 0.15 -19.38
N TYR B 319 -25.29 0.65 -18.22
CA TYR B 319 -26.70 0.87 -17.95
C TYR B 319 -27.28 1.86 -18.96
N GLN B 320 -26.57 2.97 -19.16
CA GLN B 320 -27.07 4.01 -20.04
C GLN B 320 -27.23 3.49 -21.48
N LYS B 321 -26.45 2.46 -21.84
CA LYS B 321 -26.49 1.91 -23.18
C LYS B 321 -27.46 0.72 -23.23
N GLY B 322 -28.14 0.42 -22.12
CA GLY B 322 -29.17 -0.62 -22.10
C GLY B 322 -28.65 -2.05 -21.87
N GLN B 323 -27.38 -2.15 -21.46
CA GLN B 323 -26.84 -3.43 -21.04
C GLN B 323 -27.28 -3.70 -19.60
N GLU B 324 -27.51 -4.98 -19.32
CA GLU B 324 -27.73 -5.50 -18.00
C GLU B 324 -26.49 -5.22 -17.14
N THR B 325 -26.73 -4.87 -15.89
CA THR B 325 -25.64 -4.57 -14.97
C THR B 325 -25.76 -5.51 -13.76
N SER B 326 -24.62 -5.81 -13.16
CA SER B 326 -24.69 -6.57 -11.92
C SER B 326 -23.82 -5.85 -10.90
N THR B 327 -24.38 -4.84 -10.23
CA THR B 327 -23.60 -4.03 -9.33
C THR B 327 -24.00 -4.38 -7.90
N ASN B 328 -22.99 -4.67 -7.09
CA ASN B 328 -23.15 -5.09 -5.71
C ASN B 328 -23.65 -3.92 -4.86
N PRO B 329 -24.82 -4.03 -4.20
CA PRO B 329 -25.31 -2.96 -3.32
C PRO B 329 -24.93 -3.07 -1.84
N ILE B 330 -24.11 -4.08 -1.48
CA ILE B 330 -23.89 -4.42 -0.08
C ILE B 330 -23.21 -3.27 0.68
N ALA B 331 -22.09 -2.76 0.16
CA ALA B 331 -21.42 -1.67 0.85
C ALA B 331 -22.42 -0.54 1.10
N SER B 332 -23.29 -0.27 0.10
CA SER B 332 -24.23 0.84 0.23
C SER B 332 -25.33 0.51 1.23
N ILE B 333 -25.78 -0.75 1.21
CA ILE B 333 -26.77 -1.17 2.17
C ILE B 333 -26.18 -1.01 3.56
N PHE B 334 -24.88 -1.33 3.71
CA PHE B 334 -24.28 -1.28 5.03
C PHE B 334 -23.97 0.15 5.46
N ALA B 335 -23.94 1.08 4.51
CA ALA B 335 -23.89 2.49 4.90
C ALA B 335 -25.17 2.85 5.66
N TRP B 336 -26.32 2.42 5.13
CA TRP B 336 -27.59 2.68 5.80
C TRP B 336 -27.66 1.93 7.12
N THR B 337 -27.30 0.65 7.13
CA THR B 337 -27.50 -0.11 8.35
C THR B 337 -26.61 0.38 9.47
N ARG B 338 -25.34 0.75 9.20
CA ARG B 338 -24.49 1.28 10.26
C ARG B 338 -24.99 2.68 10.65
N GLY B 339 -25.50 3.43 9.68
CA GLY B 339 -26.09 4.71 10.00
C GLY B 339 -27.24 4.58 10.98
N LEU B 340 -28.15 3.65 10.69
CA LEU B 340 -29.36 3.52 11.48
C LEU B 340 -29.00 2.91 12.83
N ALA B 341 -28.05 1.96 12.84
CA ALA B 341 -27.64 1.35 14.10
C ALA B 341 -27.12 2.45 15.03
N HIS B 342 -26.35 3.38 14.47
CA HIS B 342 -25.80 4.41 15.34
C HIS B 342 -26.92 5.36 15.78
N ARG B 343 -27.85 5.66 14.87
CA ARG B 343 -28.97 6.52 15.23
C ARG B 343 -29.76 5.84 16.35
N ALA B 344 -29.97 4.52 16.20
CA ALA B 344 -30.69 3.75 17.20
C ALA B 344 -30.01 3.87 18.57
N LYS B 345 -28.67 3.84 18.57
CA LYS B 345 -27.90 3.82 19.81
C LYS B 345 -28.02 5.18 20.48
N LEU B 346 -28.04 6.25 19.69
CA LEU B 346 -28.18 7.58 20.28
C LEU B 346 -29.58 7.76 20.85
N ASP B 347 -30.56 7.03 20.32
CA ASP B 347 -31.94 7.32 20.65
C ASP B 347 -32.50 6.23 21.57
N ASN B 348 -31.64 5.28 21.96
CA ASN B 348 -32.07 4.12 22.73
C ASN B 348 -33.31 3.54 22.08
N ASN B 349 -33.21 3.26 20.77
CA ASN B 349 -34.37 2.91 19.96
C ASN B 349 -34.28 1.45 19.56
N LYS B 350 -34.96 0.61 20.36
CA LYS B 350 -34.82 -0.83 20.24
C LYS B 350 -35.32 -1.29 18.86
N GLU B 351 -36.36 -0.64 18.33
CA GLU B 351 -36.93 -1.10 17.07
C GLU B 351 -35.98 -0.81 15.91
N LEU B 352 -35.40 0.41 15.90
CA LEU B 352 -34.46 0.77 14.85
C LEU B 352 -33.27 -0.18 14.92
N ALA B 353 -32.75 -0.39 16.13
CA ALA B 353 -31.61 -1.30 16.30
C ALA B 353 -31.95 -2.66 15.74
N PHE B 354 -33.18 -3.13 15.99
CA PHE B 354 -33.58 -4.45 15.53
C PHE B 354 -33.63 -4.45 14.00
N PHE B 355 -34.17 -3.36 13.44
CA PHE B 355 -34.30 -3.27 11.99
C PHE B 355 -32.92 -3.33 11.30
N ALA B 356 -31.98 -2.50 11.77
CA ALA B 356 -30.66 -2.42 11.13
C ALA B 356 -29.98 -3.78 11.12
N ASN B 357 -29.93 -4.41 12.31
CA ASN B 357 -29.28 -5.70 12.45
C ASN B 357 -29.95 -6.69 11.53
N ALA B 358 -31.28 -6.70 11.54
CA ALA B 358 -32.07 -7.53 10.63
C ALA B 358 -31.64 -7.39 9.18
N LEU B 359 -31.45 -6.16 8.69
CA LEU B 359 -31.17 -5.95 7.28
C LEU B 359 -29.78 -6.51 6.90
N GLU B 360 -28.81 -6.35 7.78
CA GLU B 360 -27.49 -6.92 7.57
C GLU B 360 -27.57 -8.45 7.49
N GLU B 361 -28.37 -9.04 8.38
CA GLU B 361 -28.54 -10.49 8.37
C GLU B 361 -29.07 -10.93 7.00
N VAL B 362 -30.15 -10.27 6.56
CA VAL B 362 -30.81 -10.62 5.30
C VAL B 362 -29.79 -10.55 4.18
N SER B 363 -28.95 -9.49 4.19
CA SER B 363 -27.99 -9.29 3.11
C SER B 363 -26.92 -10.38 3.11
N ILE B 364 -26.43 -10.73 4.30
CA ILE B 364 -25.42 -11.77 4.43
C ILE B 364 -25.99 -13.16 4.12
N GLU B 365 -27.17 -13.46 4.65
CA GLU B 365 -27.89 -14.71 4.41
C GLU B 365 -28.22 -14.96 2.94
N THR B 366 -28.72 -13.95 2.22
CA THR B 366 -29.08 -14.06 0.81
C THR B 366 -27.89 -14.58 0.00
N ILE B 367 -26.74 -13.90 0.18
CA ILE B 367 -25.51 -14.24 -0.50
C ILE B 367 -25.11 -15.67 -0.13
N GLU B 368 -25.21 -16.00 1.17
CA GLU B 368 -24.74 -17.28 1.68
C GLU B 368 -25.60 -18.39 1.10
N ALA B 369 -26.85 -18.06 0.77
CA ALA B 369 -27.78 -19.02 0.20
C ALA B 369 -27.54 -19.15 -1.30
N GLY B 370 -26.53 -18.43 -1.83
CA GLY B 370 -26.15 -18.62 -3.21
C GLY B 370 -26.65 -17.55 -4.20
N PHE B 371 -27.39 -16.54 -3.71
CA PHE B 371 -27.79 -15.44 -4.61
C PHE B 371 -26.89 -14.22 -4.43
N MET B 372 -26.29 -13.78 -5.52
CA MET B 372 -25.21 -12.82 -5.43
C MET B 372 -25.00 -12.15 -6.79
N THR B 373 -24.33 -10.99 -6.74
CA THR B 373 -23.99 -10.26 -7.94
C THR B 373 -22.72 -10.85 -8.57
N LYS B 374 -22.44 -10.44 -9.80
CA LYS B 374 -21.42 -11.05 -10.61
C LYS B 374 -20.03 -10.89 -9.99
N ASP B 375 -19.81 -9.75 -9.35
CA ASP B 375 -18.50 -9.56 -8.74
C ASP B 375 -18.26 -10.68 -7.73
N LEU B 376 -19.29 -11.07 -6.95
CA LEU B 376 -19.04 -12.07 -5.91
C LEU B 376 -18.85 -13.45 -6.53
N ALA B 377 -19.58 -13.74 -7.61
CA ALA B 377 -19.42 -14.99 -8.34
C ALA B 377 -17.99 -15.12 -8.87
N ALA B 378 -17.49 -14.03 -9.47
CA ALA B 378 -16.12 -13.98 -9.97
C ALA B 378 -15.14 -14.26 -8.84
N CYS B 379 -15.39 -13.66 -7.68
CA CYS B 379 -14.65 -13.97 -6.47
C CYS B 379 -14.60 -15.46 -6.18
N ILE B 380 -15.76 -16.12 -6.25
CA ILE B 380 -15.77 -17.54 -5.97
C ILE B 380 -14.99 -18.28 -7.04
N LYS B 381 -15.23 -17.93 -8.32
CA LYS B 381 -14.92 -18.85 -9.41
C LYS B 381 -13.68 -18.39 -10.19
N GLY B 382 -13.37 -17.10 -10.13
CA GLY B 382 -12.51 -16.47 -11.13
C GLY B 382 -13.37 -16.05 -12.33
N LEU B 383 -13.06 -14.90 -12.93
CA LEU B 383 -13.99 -14.25 -13.85
C LEU B 383 -14.16 -15.12 -15.10
N PRO B 384 -13.06 -15.70 -15.63
CA PRO B 384 -13.17 -16.57 -16.80
C PRO B 384 -14.17 -17.72 -16.66
N ASN B 385 -14.57 -18.03 -15.43
CA ASN B 385 -15.35 -19.24 -15.20
C ASN B 385 -16.78 -18.89 -14.82
N VAL B 386 -17.13 -17.59 -14.84
CA VAL B 386 -18.45 -17.18 -14.41
C VAL B 386 -19.46 -17.37 -15.54
N GLN B 387 -20.59 -18.03 -15.23
CA GLN B 387 -21.71 -18.17 -16.14
C GLN B 387 -22.81 -17.22 -15.68
N ARG B 388 -23.62 -16.71 -16.61
CA ARG B 388 -24.68 -15.75 -16.30
C ARG B 388 -25.58 -16.34 -15.22
N SER B 389 -25.64 -17.68 -15.19
CA SER B 389 -26.52 -18.35 -14.26
C SER B 389 -25.90 -18.42 -12.86
N ASP B 390 -24.65 -17.96 -12.75
CA ASP B 390 -23.99 -17.96 -11.45
C ASP B 390 -24.41 -16.75 -10.62
N TYR B 391 -25.06 -15.77 -11.26
CA TYR B 391 -25.31 -14.54 -10.50
C TYR B 391 -26.65 -13.91 -10.82
N LEU B 392 -26.93 -12.83 -10.09
CA LEU B 392 -28.12 -12.04 -10.29
C LEU B 392 -27.75 -10.66 -10.82
N ASN B 393 -28.62 -10.13 -11.67
CA ASN B 393 -28.43 -8.76 -12.13
C ASN B 393 -28.79 -7.80 -11.00
N THR B 394 -28.48 -6.52 -11.20
CA THR B 394 -28.62 -5.53 -10.15
C THR B 394 -30.02 -5.53 -9.53
N PHE B 395 -31.05 -5.44 -10.38
CA PHE B 395 -32.46 -5.37 -9.96
C PHE B 395 -32.93 -6.71 -9.39
N GLU B 396 -32.43 -7.79 -9.98
CA GLU B 396 -32.77 -9.12 -9.52
C GLU B 396 -32.25 -9.34 -8.10
N PHE B 397 -31.01 -8.93 -7.85
CA PHE B 397 -30.44 -9.06 -6.52
C PHE B 397 -31.20 -8.19 -5.51
N MET B 398 -31.53 -6.95 -5.89
CA MET B 398 -32.28 -6.06 -5.02
C MET B 398 -33.66 -6.66 -4.71
N ASP B 399 -34.33 -7.24 -5.71
CA ASP B 399 -35.65 -7.80 -5.43
C ASP B 399 -35.54 -8.99 -4.44
N LYS B 400 -34.59 -9.89 -4.69
CA LYS B 400 -34.36 -10.97 -3.75
C LYS B 400 -34.19 -10.39 -2.34
N LEU B 401 -33.31 -9.38 -2.19
CA LEU B 401 -33.07 -8.90 -0.85
C LEU B 401 -34.37 -8.40 -0.24
N GLY B 402 -35.17 -7.76 -1.10
CA GLY B 402 -36.47 -7.22 -0.72
C GLY B 402 -37.40 -8.30 -0.18
N GLU B 403 -37.58 -9.40 -0.92
CA GLU B 403 -38.43 -10.49 -0.46
C GLU B 403 -37.89 -11.05 0.85
N ASN B 404 -36.58 -11.37 0.91
CA ASN B 404 -36.08 -11.96 2.15
C ASN B 404 -36.29 -10.99 3.30
N LEU B 405 -36.27 -9.69 3.03
CA LEU B 405 -36.37 -8.79 4.16
C LEU B 405 -37.81 -8.80 4.65
N LYS B 406 -38.77 -8.84 3.71
CA LYS B 406 -40.18 -8.87 4.08
C LYS B 406 -40.40 -10.06 5.04
N ILE B 407 -40.02 -11.24 4.53
CA ILE B 407 -40.12 -12.49 5.25
C ILE B 407 -39.52 -12.37 6.65
N LYS B 408 -38.23 -12.00 6.74
CA LYS B 408 -37.55 -11.91 8.02
C LYS B 408 -38.30 -11.00 9.00
N LEU B 409 -38.88 -9.92 8.50
CA LEU B 409 -39.46 -8.92 9.40
C LEU B 409 -40.85 -9.36 9.85
N ALA B 410 -41.51 -10.17 9.02
CA ALA B 410 -42.80 -10.74 9.36
C ALA B 410 -42.61 -11.92 10.32
N GLN B 411 -41.91 -11.67 11.45
CA GLN B 411 -41.65 -12.66 12.48
C GLN B 411 -40.84 -12.02 13.62
N ALA B 412 -41.29 -12.25 14.85
CA ALA B 412 -40.59 -11.75 16.03
C ALA B 412 -40.45 -10.23 15.92
#